data_5CVC
#
_entry.id   5CVC
#
_cell.length_a   50.992
_cell.length_b   204.017
_cell.length_c   211.847
_cell.angle_alpha   90.00
_cell.angle_beta   90.00
_cell.angle_gamma   90.00
#
_symmetry.space_group_name_H-M   'C 2 2 21'
#
loop_
_entity.id
_entity.type
_entity.pdbx_description
1 polymer 'Serine racemase'
2 non-polymer 'MAGNESIUM ION'
3 non-polymer "PYRIDOXAL-5'-PHOSPHATE"
4 water water
#
_entity_poly.entity_id   1
_entity_poly.type   'polypeptide(L)'
_entity_poly.pdbx_seq_one_letter_code
;MGSKDGTGDISEAQGYAADIDSIREAQARIAPYVHRTPVMSSTSIDAMVGKKLFFKCECFQKAGAFKIRGASNSIFALDD
EQVSKGVVTHSSGNHAAAVALAAKLRGIPAHIVIPRNAPASKVENVKCYGGHIIWSDASIESREYVSKRVQEETGAVLIH
PINSKYTISGQGTVSLELLEQVPEIDTIIVPISGGGLISGVALAAKAINPSIRILAAEPKGADDSAQSKAAGKIITLPST
NTIADGLRAFLGDLTWPVVRDLVDDVIVVDDTAIVDAMKMCYEILKVAVEPSGAIGLAAALSDEFKQSSAWHESSKIGII
VSGGNVDLGTLWQSMYKHLEHHHHHH
;
_entity_poly.pdbx_strand_id   A,B,C
#
loop_
_chem_comp.id
_chem_comp.type
_chem_comp.name
_chem_comp.formula
MG non-polymer 'MAGNESIUM ION' 'Mg 2'
PLP non-polymer PYRIDOXAL-5'-PHOSPHATE 'C8 H10 N O6 P'
#
# COMPACT_ATOMS: atom_id res chain seq x y z
N TYR A 16 26.25 -2.10 4.72
CA TYR A 16 24.81 -1.64 4.86
C TYR A 16 24.41 -1.56 6.32
N ALA A 17 23.23 -1.02 6.60
CA ALA A 17 22.81 -0.78 7.99
C ALA A 17 22.54 -2.06 8.77
N ALA A 18 22.26 -3.15 8.06
CA ALA A 18 22.09 -4.46 8.66
C ALA A 18 22.82 -5.48 7.84
N ASP A 19 23.01 -6.67 8.42
CA ASP A 19 23.67 -7.78 7.73
C ASP A 19 23.16 -9.10 8.25
N ILE A 20 23.65 -10.18 7.64
CA ILE A 20 23.17 -11.51 7.99
C ILE A 20 23.30 -11.78 9.50
N ASP A 21 24.38 -11.32 10.12
CA ASP A 21 24.60 -11.52 11.56
C ASP A 21 23.58 -10.78 12.43
N SER A 22 23.27 -9.53 12.07
CA SER A 22 22.21 -8.75 12.70
C SER A 22 20.85 -9.43 12.58
N ILE A 23 20.60 -10.00 11.41
CA ILE A 23 19.32 -10.62 11.13
C ILE A 23 19.16 -11.93 11.88
N ARG A 24 20.24 -12.71 11.95
CA ARG A 24 20.27 -13.88 12.80
C ARG A 24 20.16 -13.57 14.28
N GLU A 25 20.77 -12.48 14.73
CA GLU A 25 20.59 -12.05 16.13
C GLU A 25 19.12 -11.70 16.34
N ALA A 26 18.53 -11.00 15.37
CA ALA A 26 17.09 -10.68 15.39
C ALA A 26 16.23 -11.93 15.49
N GLN A 27 16.52 -12.94 14.67
CA GLN A 27 15.77 -14.21 14.71
C GLN A 27 15.69 -14.80 16.12
N ALA A 28 16.85 -14.92 16.77
CA ALA A 28 16.93 -15.50 18.10
C ALA A 28 16.20 -14.63 19.13
N ARG A 29 16.33 -13.32 18.99
CA ARG A 29 15.70 -12.39 19.92
C ARG A 29 14.17 -12.39 19.83
N ILE A 30 13.63 -12.50 18.61
CA ILE A 30 12.18 -12.41 18.42
C ILE A 30 11.45 -13.76 18.38
N ALA A 31 12.18 -14.86 18.23
CA ALA A 31 11.56 -16.21 18.16
C ALA A 31 10.54 -16.52 19.27
N PRO A 32 10.75 -16.04 20.51
CA PRO A 32 9.69 -16.32 21.52
C PRO A 32 8.40 -15.49 21.35
N TYR A 33 8.41 -14.50 20.48
CA TYR A 33 7.38 -13.45 20.49
C TYR A 33 6.59 -13.28 19.21
N VAL A 34 7.07 -13.83 18.08
CA VAL A 34 6.37 -13.68 16.81
C VAL A 34 5.98 -15.06 16.29
N HIS A 35 5.06 -15.12 15.33
CA HIS A 35 4.71 -16.39 14.71
C HIS A 35 5.64 -16.71 13.55
N ARG A 36 6.02 -17.97 13.44
CA ARG A 36 6.62 -18.49 12.23
C ARG A 36 5.48 -18.70 11.24
N THR A 37 5.34 -17.83 10.26
CA THR A 37 4.15 -17.81 9.45
C THR A 37 4.21 -18.85 8.33
N PRO A 38 3.04 -19.36 7.90
CA PRO A 38 2.99 -20.40 6.88
C PRO A 38 3.20 -19.91 5.44
N VAL A 39 3.52 -20.86 4.57
CA VAL A 39 3.61 -20.61 3.17
C VAL A 39 2.42 -21.29 2.54
N MET A 40 1.73 -20.59 1.66
CA MET A 40 0.60 -21.18 0.96
C MET A 40 0.87 -21.11 -0.53
N SER A 41 0.17 -21.95 -1.28
CA SER A 41 0.23 -21.91 -2.73
C SER A 41 -1.09 -22.31 -3.33
N SER A 42 -1.21 -22.06 -4.63
CA SER A 42 -2.42 -22.34 -5.39
C SER A 42 -2.03 -22.71 -6.82
N THR A 43 -2.46 -23.90 -7.26
CA THR A 43 -2.25 -24.35 -8.63
C THR A 43 -2.98 -23.45 -9.63
N SER A 44 -4.14 -22.92 -9.26
CA SER A 44 -4.86 -21.97 -10.13
C SER A 44 -4.06 -20.71 -10.42
N ILE A 45 -3.51 -20.07 -9.38
CA ILE A 45 -2.70 -18.87 -9.57
C ILE A 45 -1.41 -19.20 -10.33
N ASP A 46 -0.81 -20.34 -10.00
CA ASP A 46 0.39 -20.79 -10.69
C ASP A 46 0.19 -20.87 -12.21
N ALA A 47 -0.94 -21.43 -12.64
CA ALA A 47 -1.26 -21.53 -14.07
C ALA A 47 -1.41 -20.16 -14.73
N MET A 48 -1.94 -19.17 -14.01
CA MET A 48 -2.08 -17.81 -14.55
C MET A 48 -0.73 -17.14 -14.78
N VAL A 49 0.16 -17.26 -13.81
CA VAL A 49 1.48 -16.64 -13.92
C VAL A 49 2.40 -17.44 -14.81
N GLY A 50 2.20 -18.75 -14.87
CA GLY A 50 3.12 -19.63 -15.59
C GLY A 50 4.33 -19.98 -14.75
N LYS A 51 4.22 -19.77 -13.44
CA LYS A 51 5.32 -20.07 -12.53
C LYS A 51 4.76 -20.66 -11.25
N LYS A 52 5.63 -21.17 -10.41
CA LYS A 52 5.22 -21.71 -9.10
C LYS A 52 5.33 -20.58 -8.08
N LEU A 53 4.21 -20.17 -7.49
CA LEU A 53 4.18 -19.09 -6.49
C LEU A 53 4.03 -19.66 -5.10
N PHE A 54 4.70 -19.00 -4.17
CA PHE A 54 4.73 -19.38 -2.78
C PHE A 54 4.43 -18.13 -1.95
N PHE A 55 3.29 -18.11 -1.29
CA PHE A 55 2.82 -16.95 -0.52
C PHE A 55 3.24 -17.07 0.92
N LYS A 56 4.12 -16.17 1.33
CA LYS A 56 4.59 -16.06 2.70
C LYS A 56 3.59 -15.17 3.43
N CYS A 57 2.81 -15.79 4.31
CA CYS A 57 1.62 -15.16 4.85
C CYS A 57 1.83 -14.36 6.12
N GLU A 58 2.42 -13.17 5.98
CA GLU A 58 2.56 -12.24 7.12
C GLU A 58 1.23 -11.61 7.58
N CYS A 59 0.18 -11.76 6.78
CA CYS A 59 -1.17 -11.44 7.26
C CYS A 59 -1.52 -12.25 8.52
N PHE A 60 -0.92 -13.45 8.68
CA PHE A 60 -1.19 -14.32 9.85
C PHE A 60 -0.21 -14.05 11.01
N GLN A 61 0.64 -13.05 10.85
CA GLN A 61 1.58 -12.68 11.91
C GLN A 61 0.82 -11.94 12.97
N LYS A 62 1.37 -11.86 14.18
CA LYS A 62 0.74 -11.07 15.25
C LYS A 62 0.50 -9.62 14.79
N ALA A 63 -0.63 -9.09 15.25
CA ALA A 63 -1.11 -7.74 14.94
C ALA A 63 -1.41 -7.55 13.46
N GLY A 64 -1.52 -8.66 12.72
CA GLY A 64 -2.05 -8.63 11.36
C GLY A 64 -1.05 -8.26 10.28
N ALA A 65 0.23 -8.18 10.62
CA ALA A 65 1.28 -7.79 9.67
C ALA A 65 2.67 -8.16 10.16
N PHE A 66 3.65 -8.01 9.26
CA PHE A 66 5.06 -8.38 9.53
C PHE A 66 5.75 -7.47 10.55
N LYS A 67 5.21 -6.28 10.76
CA LYS A 67 5.93 -5.22 11.47
C LYS A 67 6.31 -5.50 12.92
N ILE A 68 5.58 -6.40 13.57
CA ILE A 68 5.95 -6.87 14.90
C ILE A 68 7.40 -7.44 14.97
N ARG A 69 7.89 -8.00 13.86
CA ARG A 69 9.27 -8.51 13.80
C ARG A 69 10.27 -7.40 14.09
N GLY A 70 10.25 -6.36 13.26
CA GLY A 70 11.11 -5.19 13.41
C GLY A 70 10.88 -4.50 14.73
N ALA A 71 9.63 -4.39 15.15
CA ALA A 71 9.29 -3.64 16.35
C ALA A 71 9.73 -4.41 17.60
N SER A 72 9.49 -5.71 17.63
CA SER A 72 10.00 -6.61 18.67
C SER A 72 11.52 -6.59 18.77
N ASN A 73 12.19 -6.61 17.62
CA ASN A 73 13.64 -6.60 17.63
C ASN A 73 14.16 -5.33 18.28
N SER A 74 13.61 -4.19 17.84
CA SER A 74 14.00 -2.86 18.32
C SER A 74 13.78 -2.74 19.82
N ILE A 75 12.63 -3.22 20.29
CA ILE A 75 12.26 -3.07 21.69
C ILE A 75 13.02 -4.03 22.59
N PHE A 76 13.16 -5.28 22.18
CA PHE A 76 13.85 -6.24 23.01
C PHE A 76 15.37 -6.09 22.98
N ALA A 77 15.90 -5.36 22.00
CA ALA A 77 17.35 -5.10 21.94
C ALA A 77 17.77 -4.09 23.01
N LEU A 78 16.83 -3.27 23.46
CA LEU A 78 17.12 -2.23 24.45
C LEU A 78 17.46 -2.86 25.82
N ASP A 79 18.33 -2.21 26.58
CA ASP A 79 18.61 -2.68 27.95
C ASP A 79 17.53 -2.18 28.88
N ASP A 80 17.54 -2.63 30.13
CA ASP A 80 16.47 -2.25 31.05
C ASP A 80 16.33 -0.73 31.26
N GLU A 81 17.43 0.01 31.42
CA GLU A 81 17.32 1.46 31.61
C GLU A 81 16.80 2.17 30.36
N GLN A 82 17.29 1.78 29.19
CA GLN A 82 16.81 2.36 27.91
C GLN A 82 15.29 2.27 27.81
N VAL A 83 14.76 1.10 28.17
CA VAL A 83 13.35 0.81 28.00
C VAL A 83 12.50 1.37 29.16
N SER A 84 13.15 1.74 30.26
CA SER A 84 12.45 2.22 31.46
C SER A 84 11.65 3.48 31.18
N LYS A 85 12.06 4.27 30.21
CA LYS A 85 11.31 5.48 29.89
C LYS A 85 10.32 5.27 28.74
N GLY A 86 10.16 4.02 28.33
CA GLY A 86 9.18 3.69 27.31
C GLY A 86 9.74 3.83 25.91
N VAL A 87 8.85 3.61 24.95
CA VAL A 87 9.16 3.78 23.54
C VAL A 87 8.14 4.68 22.90
N VAL A 88 8.48 5.18 21.72
CA VAL A 88 7.65 6.15 21.05
C VAL A 88 7.81 6.03 19.55
N THR A 89 6.71 6.22 18.87
CA THR A 89 6.73 6.26 17.42
C THR A 89 5.58 7.12 16.97
N HIS A 90 5.56 7.47 15.69
CA HIS A 90 4.39 8.08 15.13
C HIS A 90 3.96 7.27 13.91
N SER A 91 2.68 6.97 13.82
CA SER A 91 2.15 6.16 12.71
C SER A 91 0.63 6.22 12.72
N SER A 92 0.06 6.24 11.53
CA SER A 92 -1.37 6.10 11.34
C SER A 92 -1.72 4.67 10.88
N GLY A 93 -0.73 3.77 10.90
CA GLY A 93 -0.87 2.46 10.26
C GLY A 93 -0.52 1.25 11.11
N ASN A 94 -0.09 0.20 10.43
CA ASN A 94 0.25 -1.08 11.06
C ASN A 94 1.38 -0.99 12.08
N HIS A 95 2.31 -0.05 11.85
CA HIS A 95 3.45 0.14 12.73
C HIS A 95 3.06 0.57 14.14
N ALA A 96 2.03 1.41 14.21
CA ALA A 96 1.48 1.86 15.48
C ALA A 96 1.10 0.70 16.39
N ALA A 97 0.34 -0.24 15.84
CA ALA A 97 -0.09 -1.43 16.58
C ALA A 97 1.07 -2.40 16.87
N ALA A 98 1.99 -2.54 15.92
CA ALA A 98 3.15 -3.39 16.11
C ALA A 98 3.99 -2.93 17.29
N VAL A 99 4.22 -1.61 17.38
CA VAL A 99 5.00 -1.05 18.49
C VAL A 99 4.24 -1.23 19.80
N ALA A 100 2.94 -0.97 19.81
CA ALA A 100 2.12 -1.20 21.02
C ALA A 100 2.17 -2.65 21.50
N LEU A 101 2.07 -3.60 20.58
CA LEU A 101 2.15 -5.01 20.93
C LEU A 101 3.53 -5.35 21.48
N ALA A 102 4.57 -4.94 20.75
CA ALA A 102 5.95 -5.27 21.20
C ALA A 102 6.17 -4.72 22.61
N ALA A 103 5.71 -3.49 22.82
CA ALA A 103 5.84 -2.86 24.13
C ALA A 103 5.06 -3.67 25.16
N LYS A 104 3.82 -4.05 24.84
CA LYS A 104 3.04 -4.94 25.72
C LYS A 104 3.80 -6.23 26.04
N LEU A 105 4.43 -6.85 25.05
CA LEU A 105 5.15 -8.11 25.30
C LEU A 105 6.30 -7.95 26.29
N ARG A 106 6.92 -6.79 26.33
CA ARG A 106 7.99 -6.56 27.28
C ARG A 106 7.49 -5.96 28.58
N GLY A 107 6.29 -5.40 28.56
CA GLY A 107 5.69 -4.81 29.73
C GLY A 107 6.19 -3.40 29.96
N ILE A 108 6.30 -2.62 28.88
CA ILE A 108 6.74 -1.24 28.96
C ILE A 108 5.78 -0.30 28.25
N PRO A 109 5.81 0.98 28.61
CA PRO A 109 4.89 1.92 27.96
C PRO A 109 5.26 2.23 26.50
N ALA A 110 4.23 2.38 25.68
CA ALA A 110 4.36 2.78 24.29
C ALA A 110 3.59 4.05 24.09
N HIS A 111 4.29 5.10 23.71
CA HIS A 111 3.67 6.37 23.31
C HIS A 111 3.51 6.35 21.79
N ILE A 112 2.27 6.28 21.35
CA ILE A 112 1.96 6.13 19.95
C ILE A 112 1.36 7.43 19.47
N VAL A 113 2.13 8.18 18.68
CA VAL A 113 1.65 9.42 18.12
C VAL A 113 0.86 9.09 16.88
N ILE A 114 -0.44 9.38 16.93
CA ILE A 114 -1.35 9.12 15.82
C ILE A 114 -1.99 10.43 15.33
N PRO A 115 -2.06 10.63 14.02
CA PRO A 115 -2.90 11.73 13.55
C PRO A 115 -4.40 11.57 13.95
N ARG A 116 -5.05 12.69 14.21
CA ARG A 116 -6.42 12.70 14.71
C ARG A 116 -7.42 12.07 13.73
N ASN A 117 -7.12 12.19 12.44
CA ASN A 117 -7.96 11.63 11.37
C ASN A 117 -7.61 10.20 10.93
N ALA A 118 -6.81 9.50 11.72
CA ALA A 118 -6.42 8.14 11.36
C ALA A 118 -7.65 7.23 11.37
N PRO A 119 -7.67 6.19 10.50
CA PRO A 119 -8.77 5.21 10.49
C PRO A 119 -9.10 4.68 11.88
N ALA A 120 -10.39 4.53 12.18
CA ALA A 120 -10.83 4.04 13.49
C ALA A 120 -10.34 2.61 13.77
N SER A 121 -10.19 1.84 12.68
CA SER A 121 -9.72 0.45 12.75
C SER A 121 -8.29 0.39 13.29
N LYS A 122 -7.41 1.24 12.76
CA LYS A 122 -5.99 1.24 13.15
C LYS A 122 -5.77 1.81 14.56
N VAL A 123 -6.65 2.69 15.01
CA VAL A 123 -6.65 3.19 16.39
C VAL A 123 -7.06 2.08 17.33
N GLU A 124 -8.12 1.37 16.94
CA GLU A 124 -8.61 0.23 17.72
C GLU A 124 -7.55 -0.84 17.89
N ASN A 125 -6.75 -1.08 16.84
CA ASN A 125 -5.66 -2.03 16.94
C ASN A 125 -4.62 -1.57 17.97
N VAL A 126 -4.44 -0.26 18.15
CA VAL A 126 -3.50 0.24 19.18
C VAL A 126 -4.07 0.10 20.58
N LYS A 127 -5.35 0.44 20.73
CA LYS A 127 -6.05 0.33 22.02
C LYS A 127 -6.10 -1.12 22.43
N CYS A 128 -6.31 -1.98 21.45
CA CYS A 128 -6.30 -3.41 21.68
C CYS A 128 -5.05 -3.84 22.45
N TYR A 129 -3.89 -3.23 22.15
CA TYR A 129 -2.64 -3.62 22.82
C TYR A 129 -2.21 -2.68 23.96
N GLY A 130 -3.06 -1.73 24.33
CA GLY A 130 -2.84 -0.88 25.50
C GLY A 130 -1.90 0.29 25.28
N GLY A 131 -1.77 0.70 24.02
CA GLY A 131 -0.92 1.82 23.64
C GLY A 131 -1.43 3.14 24.21
N HIS A 132 -0.50 3.94 24.70
CA HIS A 132 -0.81 5.26 25.24
C HIS A 132 -0.80 6.22 24.05
N ILE A 133 -1.99 6.61 23.61
CA ILE A 133 -2.15 7.38 22.39
C ILE A 133 -1.94 8.87 22.65
N ILE A 134 -1.16 9.49 21.78
CA ILE A 134 -0.91 10.92 21.81
C ILE A 134 -1.27 11.45 20.46
N TRP A 135 -2.25 12.33 20.44
CA TRP A 135 -2.88 12.73 19.21
C TRP A 135 -2.11 13.85 18.56
N SER A 136 -2.20 13.91 17.23
CA SER A 136 -1.47 14.86 16.43
C SER A 136 -2.34 15.32 15.26
N ASP A 137 -1.95 16.42 14.62
CA ASP A 137 -2.51 16.82 13.33
C ASP A 137 -1.98 15.88 12.24
N ALA A 138 -2.52 16.04 11.03
CA ALA A 138 -2.31 15.08 9.93
C ALA A 138 -0.95 15.12 9.20
N SER A 139 -0.33 16.29 9.10
CA SER A 139 0.96 16.39 8.38
C SER A 139 2.06 15.58 9.07
N ILE A 140 3.06 15.19 8.29
CA ILE A 140 4.25 14.53 8.85
C ILE A 140 4.98 15.45 9.85
N GLU A 141 5.02 16.74 9.53
CA GLU A 141 5.66 17.73 10.38
C GLU A 141 4.98 17.82 11.75
N SER A 142 3.66 17.67 11.78
CA SER A 142 2.91 17.67 13.04
C SER A 142 3.25 16.41 13.85
N ARG A 143 3.13 15.25 13.19
CA ARG A 143 3.47 13.98 13.84
C ARG A 143 4.87 14.02 14.44
N GLU A 144 5.83 14.56 13.68
CA GLU A 144 7.23 14.63 14.13
C GLU A 144 7.45 15.61 15.25
N TYR A 145 6.80 16.75 15.16
CA TYR A 145 6.83 17.73 16.23
C TYR A 145 6.31 17.09 17.52
N VAL A 146 5.17 16.40 17.43
CA VAL A 146 4.63 15.73 18.62
C VAL A 146 5.57 14.63 19.10
N SER A 147 6.09 13.83 18.17
CA SER A 147 7.00 12.72 18.53
C SER A 147 8.22 13.27 19.27
N LYS A 148 8.77 14.38 18.75
CA LYS A 148 9.89 15.07 19.41
C LYS A 148 9.58 15.52 20.83
N ARG A 149 8.40 16.12 21.04
CA ARG A 149 8.00 16.60 22.37
C ARG A 149 7.79 15.46 23.38
N VAL A 150 7.25 14.35 22.90
CA VAL A 150 7.09 13.18 23.75
C VAL A 150 8.47 12.71 24.21
N GLN A 151 9.42 12.62 23.27
CA GLN A 151 10.80 12.22 23.59
C GLN A 151 11.44 13.16 24.59
N GLU A 152 11.19 14.47 24.44
CA GLU A 152 11.75 15.47 25.37
C GLU A 152 11.14 15.36 26.77
N GLU A 153 9.83 15.12 26.84
CA GLU A 153 9.15 14.98 28.13
C GLU A 153 9.45 13.65 28.83
N THR A 154 9.62 12.58 28.06
CA THR A 154 9.75 11.22 28.66
C THR A 154 11.13 10.58 28.54
N GLY A 155 11.92 11.00 27.57
CA GLY A 155 13.10 10.24 27.19
C GLY A 155 12.80 8.90 26.50
N ALA A 156 11.56 8.68 26.09
CA ALA A 156 11.23 7.42 25.41
C ALA A 156 12.11 7.25 24.17
N VAL A 157 12.47 6.01 23.83
CA VAL A 157 13.31 5.80 22.64
C VAL A 157 12.44 5.58 21.39
N LEU A 158 12.84 6.24 20.30
CA LEU A 158 12.12 6.23 19.05
C LEU A 158 12.28 4.90 18.32
N ILE A 159 11.17 4.35 17.85
CA ILE A 159 11.15 3.08 17.12
C ILE A 159 10.75 3.41 15.68
N HIS A 160 11.69 3.21 14.76
N HIS A 160 11.69 3.32 14.74
CA HIS A 160 11.52 3.58 13.35
CA HIS A 160 11.39 3.72 13.36
C HIS A 160 10.68 2.55 12.57
C HIS A 160 10.66 2.62 12.61
N PRO A 161 9.71 3.01 11.76
CA PRO A 161 9.01 1.98 11.02
C PRO A 161 9.75 1.34 9.84
N ILE A 162 10.86 1.94 9.43
CA ILE A 162 11.53 1.71 8.12
C ILE A 162 13.08 1.69 8.38
N ASN A 163 13.53 2.83 8.87
CA ASN A 163 14.89 3.30 8.70
C ASN A 163 15.72 3.12 9.93
N SER A 164 16.01 1.89 10.31
CA SER A 164 16.93 1.62 11.40
C SER A 164 17.47 0.20 11.31
N LYS A 165 18.66 0.01 11.85
CA LYS A 165 19.29 -1.30 11.89
C LYS A 165 18.36 -2.37 12.50
N TYR A 166 17.75 -2.06 13.63
CA TYR A 166 16.97 -3.06 14.35
C TYR A 166 15.68 -3.38 13.61
N THR A 167 15.06 -2.39 13.01
CA THR A 167 13.84 -2.64 12.29
C THR A 167 14.14 -3.46 11.03
N ILE A 168 15.18 -3.11 10.30
CA ILE A 168 15.55 -3.83 9.09
C ILE A 168 15.97 -5.26 9.44
N SER A 169 16.73 -5.43 10.51
CA SER A 169 17.18 -6.76 10.91
C SER A 169 16.00 -7.68 11.30
N GLY A 170 15.01 -7.13 12.01
CA GLY A 170 13.83 -7.91 12.37
C GLY A 170 13.07 -8.34 11.12
N GLN A 171 12.88 -7.40 10.20
CA GLN A 171 12.21 -7.69 8.93
C GLN A 171 12.91 -8.80 8.11
N GLY A 172 14.25 -8.87 8.16
CA GLY A 172 14.98 -9.91 7.44
C GLY A 172 14.67 -11.33 7.88
N THR A 173 14.14 -11.52 9.09
CA THR A 173 13.73 -12.85 9.56
C THR A 173 12.66 -13.47 8.64
N VAL A 174 11.93 -12.63 7.92
CA VAL A 174 10.96 -13.09 6.93
C VAL A 174 11.66 -14.00 5.92
N SER A 175 12.82 -13.55 5.43
CA SER A 175 13.63 -14.32 4.48
C SER A 175 14.25 -15.58 5.08
N LEU A 176 14.71 -15.52 6.33
CA LEU A 176 15.30 -16.70 6.98
C LEU A 176 14.28 -17.81 7.05
N GLU A 177 13.04 -17.47 7.38
CA GLU A 177 11.96 -18.44 7.42
C GLU A 177 11.66 -18.94 6.03
N LEU A 178 11.38 -18.01 5.13
CA LEU A 178 10.87 -18.36 3.80
C LEU A 178 11.85 -19.27 3.04
N LEU A 179 13.13 -18.96 3.12
CA LEU A 179 14.12 -19.72 2.37
C LEU A 179 14.38 -21.11 2.98
N GLU A 180 14.15 -21.27 4.28
CA GLU A 180 14.10 -22.58 4.91
C GLU A 180 12.84 -23.35 4.48
N GLN A 181 11.70 -22.67 4.46
CA GLN A 181 10.43 -23.30 4.14
C GLN A 181 10.33 -23.73 2.67
N VAL A 182 10.92 -22.96 1.76
CA VAL A 182 10.91 -23.26 0.32
C VAL A 182 12.29 -22.97 -0.23
N PRO A 183 13.23 -23.90 -0.01
CA PRO A 183 14.63 -23.65 -0.38
C PRO A 183 14.85 -23.40 -1.87
N GLU A 184 13.95 -23.88 -2.71
CA GLU A 184 14.10 -23.74 -4.15
C GLU A 184 13.71 -22.35 -4.67
N ILE A 185 13.21 -21.46 -3.81
CA ILE A 185 12.83 -20.13 -4.25
C ILE A 185 14.01 -19.42 -4.92
N ASP A 186 13.77 -18.92 -6.13
CA ASP A 186 14.80 -18.19 -6.87
C ASP A 186 14.46 -16.70 -7.06
N THR A 187 13.20 -16.31 -6.83
CA THR A 187 12.84 -14.89 -6.80
C THR A 187 11.79 -14.54 -5.73
N ILE A 188 11.95 -13.34 -5.16
CA ILE A 188 11.05 -12.85 -4.13
C ILE A 188 10.52 -11.47 -4.51
N ILE A 189 9.19 -11.36 -4.54
CA ILE A 189 8.48 -10.11 -4.79
C ILE A 189 7.95 -9.55 -3.47
N VAL A 190 8.34 -8.31 -3.17
CA VAL A 190 8.13 -7.69 -1.86
C VAL A 190 7.44 -6.31 -2.03
N PRO A 191 6.31 -6.08 -1.35
CA PRO A 191 5.73 -4.74 -1.32
C PRO A 191 6.72 -3.70 -0.78
N ILE A 192 6.70 -2.49 -1.31
CA ILE A 192 7.67 -1.48 -0.87
C ILE A 192 6.99 -0.18 -0.52
N SER A 193 7.37 0.40 0.62
CA SER A 193 6.91 1.72 1.02
C SER A 193 8.09 2.56 1.52
N GLY A 194 8.54 2.32 2.74
CA GLY A 194 9.76 2.97 3.25
C GLY A 194 10.99 2.14 2.91
N GLY A 195 10.79 0.85 2.69
CA GLY A 195 11.84 -0.08 2.25
C GLY A 195 12.48 -0.93 3.32
N GLY A 196 11.92 -0.90 4.53
CA GLY A 196 12.41 -1.73 5.62
C GLY A 196 12.27 -3.23 5.36
N LEU A 197 11.07 -3.64 4.96
CA LEU A 197 10.78 -5.04 4.65
C LEU A 197 11.71 -5.54 3.56
N ILE A 198 11.75 -4.83 2.45
CA ILE A 198 12.52 -5.32 1.30
C ILE A 198 14.03 -5.27 1.59
N SER A 199 14.47 -4.34 2.43
CA SER A 199 15.89 -4.28 2.79
C SER A 199 16.29 -5.49 3.61
N GLY A 200 15.51 -5.81 4.64
CA GLY A 200 15.78 -6.98 5.47
C GLY A 200 15.73 -8.26 4.68
N VAL A 201 14.67 -8.40 3.87
CA VAL A 201 14.46 -9.58 3.05
C VAL A 201 15.63 -9.79 2.09
N ALA A 202 16.05 -8.70 1.44
CA ALA A 202 17.11 -8.73 0.47
C ALA A 202 18.46 -9.04 1.11
N LEU A 203 18.78 -8.41 2.24
CA LEU A 203 20.06 -8.63 2.90
C LEU A 203 20.19 -10.08 3.36
N ALA A 204 19.11 -10.67 3.86
CA ALA A 204 19.16 -12.04 4.36
C ALA A 204 19.22 -13.03 3.20
N ALA A 205 18.35 -12.80 2.21
CA ALA A 205 18.26 -13.69 1.05
C ALA A 205 19.57 -13.73 0.24
N LYS A 206 20.18 -12.57 0.03
CA LYS A 206 21.42 -12.44 -0.75
C LYS A 206 22.61 -13.07 -0.04
N ALA A 207 22.63 -12.97 1.30
CA ALA A 207 23.65 -13.59 2.12
C ALA A 207 23.55 -15.11 2.03
N ILE A 208 22.32 -15.61 2.06
CA ILE A 208 22.09 -17.05 1.91
C ILE A 208 22.34 -17.50 0.49
N ASN A 209 21.89 -16.69 -0.48
CA ASN A 209 22.07 -17.00 -1.89
C ASN A 209 22.11 -15.74 -2.78
N PRO A 210 23.33 -15.26 -3.12
CA PRO A 210 23.48 -13.98 -3.80
C PRO A 210 22.90 -13.91 -5.21
N SER A 211 22.54 -15.04 -5.79
CA SER A 211 21.88 -15.06 -7.10
C SER A 211 20.34 -14.99 -7.00
N ILE A 212 19.77 -14.97 -5.80
CA ILE A 212 18.31 -14.83 -5.67
C ILE A 212 17.95 -13.46 -6.26
N ARG A 213 16.83 -13.37 -6.99
CA ARG A 213 16.35 -12.07 -7.49
C ARG A 213 15.34 -11.50 -6.50
N ILE A 214 15.54 -10.24 -6.10
CA ILE A 214 14.57 -9.54 -5.25
C ILE A 214 13.90 -8.44 -6.06
N LEU A 215 12.58 -8.47 -6.12
CA LEU A 215 11.82 -7.50 -6.86
C LEU A 215 10.88 -6.74 -5.92
N ALA A 216 10.77 -5.43 -6.12
CA ALA A 216 9.82 -4.62 -5.35
C ALA A 216 8.53 -4.53 -6.14
N ALA A 217 7.42 -4.43 -5.40
CA ALA A 217 6.11 -4.17 -6.00
C ALA A 217 5.58 -2.87 -5.40
N GLU A 218 5.22 -1.94 -6.27
CA GLU A 218 4.90 -0.58 -5.84
C GLU A 218 3.70 0.00 -6.59
N PRO A 219 2.85 0.77 -5.90
CA PRO A 219 1.72 1.39 -6.62
C PRO A 219 2.15 2.51 -7.59
N LYS A 220 1.44 2.58 -8.71
CA LYS A 220 1.65 3.63 -9.70
C LYS A 220 1.49 5.02 -9.08
N GLY A 221 0.52 5.17 -8.18
CA GLY A 221 0.25 6.44 -7.54
C GLY A 221 1.14 6.74 -6.34
N ALA A 222 2.19 5.93 -6.17
CA ALA A 222 3.17 6.14 -5.10
C ALA A 222 4.47 5.43 -5.48
N ASP A 223 4.94 5.75 -6.69
CA ASP A 223 6.03 5.03 -7.37
C ASP A 223 7.43 5.67 -7.18
N ASP A 224 7.65 6.29 -6.03
CA ASP A 224 8.92 6.95 -5.70
C ASP A 224 10.14 6.02 -5.64
N SER A 225 9.94 4.76 -5.23
CA SER A 225 11.05 3.80 -5.20
C SER A 225 11.55 3.49 -6.63
N ALA A 226 10.62 3.33 -7.55
CA ALA A 226 10.94 3.12 -8.97
C ALA A 226 11.62 4.37 -9.51
N GLN A 227 11.09 5.53 -9.15
CA GLN A 227 11.72 6.78 -9.61
C GLN A 227 13.09 6.93 -9.02
N SER A 228 13.27 6.56 -7.75
CA SER A 228 14.57 6.65 -7.09
C SER A 228 15.61 5.74 -7.74
N LYS A 229 15.22 4.52 -8.08
CA LYS A 229 16.13 3.59 -8.75
C LYS A 229 16.60 4.13 -10.09
N ALA A 230 15.68 4.73 -10.85
CA ALA A 230 16.01 5.32 -12.17
C ALA A 230 16.91 6.55 -12.04
N ALA A 231 16.69 7.36 -11.01
CA ALA A 231 17.49 8.56 -10.75
C ALA A 231 18.85 8.29 -10.12
N GLY A 232 18.97 7.20 -9.37
CA GLY A 232 20.21 6.91 -8.64
C GLY A 232 20.29 7.64 -7.31
N LYS A 233 19.17 8.12 -6.79
CA LYS A 233 19.10 8.63 -5.44
C LYS A 233 17.66 8.72 -4.98
N ILE A 234 17.46 9.05 -3.71
CA ILE A 234 16.12 9.13 -3.14
C ILE A 234 15.38 10.29 -3.77
N ILE A 235 14.23 9.97 -4.34
CA ILE A 235 13.30 10.91 -4.93
C ILE A 235 12.00 10.80 -4.15
N THR A 236 11.32 11.93 -3.94
CA THR A 236 10.00 11.96 -3.30
C THR A 236 8.97 12.49 -4.29
N LEU A 237 7.70 12.46 -3.87
CA LEU A 237 6.59 12.93 -4.69
C LEU A 237 5.84 14.01 -3.92
N PRO A 238 5.20 14.95 -4.64
CA PRO A 238 4.41 16.00 -3.98
C PRO A 238 3.11 15.48 -3.34
N SER A 239 2.64 14.33 -3.80
CA SER A 239 1.53 13.65 -3.14
C SER A 239 1.56 12.19 -3.55
N THR A 240 0.69 11.40 -2.93
CA THR A 240 0.47 10.04 -3.41
C THR A 240 -1.02 9.83 -3.66
N ASN A 241 -1.32 8.80 -4.42
CA ASN A 241 -2.67 8.50 -4.77
C ASN A 241 -2.85 7.00 -4.99
N THR A 242 -3.00 6.28 -3.89
CA THR A 242 -3.23 4.85 -3.95
C THR A 242 -4.15 4.36 -2.83
N ILE A 243 -4.96 3.37 -3.17
CA ILE A 243 -5.73 2.59 -2.21
C ILE A 243 -4.83 1.73 -1.31
N ALA A 244 -3.60 1.43 -1.76
CA ALA A 244 -2.63 0.70 -0.91
C ALA A 244 -2.09 1.58 0.23
N ASP A 245 -2.88 1.70 1.31
CA ASP A 245 -2.66 2.72 2.35
C ASP A 245 -1.35 2.59 3.14
N GLY A 246 -0.76 1.40 3.15
CA GLY A 246 0.52 1.19 3.80
C GLY A 246 1.71 1.45 2.90
N LEU A 247 1.46 1.83 1.65
CA LEU A 247 2.55 1.98 0.66
C LEU A 247 2.79 3.43 0.22
N ARG A 248 2.53 4.39 1.12
CA ARG A 248 2.57 5.80 0.77
C ARG A 248 3.80 6.54 1.30
N ALA A 249 4.75 5.83 1.88
CA ALA A 249 5.94 6.48 2.44
C ALA A 249 7.06 6.63 1.39
N PHE A 250 8.13 7.31 1.78
CA PHE A 250 9.31 7.42 0.93
C PHE A 250 10.47 6.68 1.58
N LEU A 251 11.47 6.30 0.76
CA LEU A 251 12.65 5.61 1.24
C LEU A 251 13.43 6.43 2.24
N GLY A 252 14.15 5.75 3.13
CA GLY A 252 14.99 6.37 4.12
C GLY A 252 16.44 6.19 3.74
N ASP A 253 17.34 6.91 4.41
CA ASP A 253 18.75 6.89 4.02
C ASP A 253 19.45 5.57 4.33
N LEU A 254 18.85 4.71 5.15
CA LEU A 254 19.39 3.38 5.38
C LEU A 254 18.81 2.30 4.49
N THR A 255 17.59 2.49 3.97
CA THR A 255 16.98 1.49 3.10
C THR A 255 17.34 1.72 1.64
N TRP A 256 17.52 2.97 1.25
CA TRP A 256 17.83 3.28 -0.13
C TRP A 256 19.08 2.54 -0.67
N PRO A 257 20.19 2.52 0.07
CA PRO A 257 21.37 1.78 -0.41
C PRO A 257 21.10 0.33 -0.79
N VAL A 258 20.25 -0.34 0.00
CA VAL A 258 19.90 -1.72 -0.22
C VAL A 258 19.01 -1.87 -1.45
N VAL A 259 18.03 -0.98 -1.60
CA VAL A 259 17.19 -0.97 -2.78
C VAL A 259 18.02 -0.69 -4.04
N ARG A 260 18.97 0.24 -3.91
CA ARG A 260 19.86 0.63 -5.01
C ARG A 260 20.68 -0.58 -5.48
N ASP A 261 21.23 -1.34 -4.55
CA ASP A 261 22.25 -2.35 -4.89
C ASP A 261 21.73 -3.78 -4.96
N LEU A 262 20.71 -4.12 -4.16
CA LEU A 262 20.30 -5.53 -3.97
C LEU A 262 18.92 -5.90 -4.52
N VAL A 263 18.17 -4.90 -4.98
CA VAL A 263 16.85 -5.12 -5.54
C VAL A 263 16.98 -4.94 -7.04
N ASP A 264 16.61 -5.94 -7.83
CA ASP A 264 16.81 -5.90 -9.28
C ASP A 264 15.92 -4.90 -10.01
N ASP A 265 14.66 -4.80 -9.58
CA ASP A 265 13.70 -4.01 -10.30
C ASP A 265 12.50 -3.68 -9.40
N VAL A 266 11.86 -2.56 -9.70
CA VAL A 266 10.64 -2.18 -9.03
C VAL A 266 9.49 -2.35 -10.02
N ILE A 267 8.58 -3.27 -9.71
CA ILE A 267 7.42 -3.50 -10.56
C ILE A 267 6.29 -2.61 -10.08
N VAL A 268 5.84 -1.73 -10.96
CA VAL A 268 4.85 -0.73 -10.64
C VAL A 268 3.52 -1.16 -11.23
N VAL A 269 2.49 -1.25 -10.39
CA VAL A 269 1.14 -1.67 -10.82
C VAL A 269 0.11 -0.63 -10.40
N ASP A 270 -1.00 -0.56 -11.11
CA ASP A 270 -2.03 0.42 -10.77
C ASP A 270 -3.02 -0.15 -9.74
N ASP A 271 -3.90 0.72 -9.24
CA ASP A 271 -4.81 0.32 -8.16
C ASP A 271 -5.87 -0.71 -8.62
N THR A 272 -6.25 -0.71 -9.89
CA THR A 272 -7.20 -1.76 -10.33
C THR A 272 -6.53 -3.15 -10.35
N ALA A 273 -5.26 -3.24 -10.74
CA ALA A 273 -4.48 -4.47 -10.57
C ALA A 273 -4.42 -4.93 -9.10
N ILE A 274 -4.22 -3.99 -8.19
CA ILE A 274 -4.18 -4.28 -6.75
C ILE A 274 -5.51 -4.85 -6.27
N VAL A 275 -6.62 -4.22 -6.68
CA VAL A 275 -7.93 -4.73 -6.34
C VAL A 275 -8.14 -6.13 -6.95
N ASP A 276 -7.75 -6.34 -8.21
CA ASP A 276 -7.88 -7.67 -8.84
C ASP A 276 -7.13 -8.71 -8.03
N ALA A 277 -5.92 -8.36 -7.58
CA ALA A 277 -5.08 -9.31 -6.85
C ALA A 277 -5.61 -9.58 -5.44
N MET A 278 -6.14 -8.56 -4.78
CA MET A 278 -6.81 -8.71 -3.49
C MET A 278 -8.01 -9.68 -3.59
N LYS A 279 -8.82 -9.47 -4.63
CA LYS A 279 -9.94 -10.35 -4.94
C LYS A 279 -9.50 -11.82 -5.09
N MET A 280 -8.40 -12.02 -5.79
CA MET A 280 -7.85 -13.35 -5.99
C MET A 280 -7.37 -13.96 -4.66
N CYS A 281 -6.73 -13.15 -3.82
CA CYS A 281 -6.33 -13.59 -2.49
C CYS A 281 -7.55 -14.08 -1.68
N TYR A 282 -8.64 -13.32 -1.73
CA TYR A 282 -9.84 -13.72 -1.00
C TYR A 282 -10.50 -14.97 -1.60
N GLU A 283 -10.70 -14.93 -2.91
CA GLU A 283 -11.49 -15.96 -3.59
C GLU A 283 -10.74 -17.24 -3.88
N ILE A 284 -9.44 -17.17 -4.10
CA ILE A 284 -8.66 -18.36 -4.44
C ILE A 284 -7.86 -18.84 -3.24
N LEU A 285 -7.08 -17.97 -2.63
CA LEU A 285 -6.26 -18.39 -1.49
C LEU A 285 -7.08 -18.49 -0.21
N LYS A 286 -8.21 -17.80 -0.15
CA LYS A 286 -9.03 -17.68 1.06
C LYS A 286 -8.36 -16.91 2.19
N VAL A 287 -7.52 -15.94 1.83
CA VAL A 287 -6.79 -15.14 2.80
C VAL A 287 -7.32 -13.70 2.79
N ALA A 288 -7.73 -13.22 3.96
CA ALA A 288 -8.31 -11.89 4.10
C ALA A 288 -7.23 -10.80 4.19
N VAL A 289 -6.60 -10.54 3.05
CA VAL A 289 -5.51 -9.57 2.99
C VAL A 289 -6.01 -8.13 2.99
N GLU A 290 -5.09 -7.22 3.26
CA GLU A 290 -5.34 -5.81 2.97
C GLU A 290 -4.78 -5.49 1.58
N PRO A 291 -5.23 -4.39 0.97
CA PRO A 291 -4.75 -4.00 -0.37
C PRO A 291 -3.21 -3.94 -0.51
N SER A 292 -2.52 -3.34 0.47
CA SER A 292 -1.04 -3.30 0.49
C SER A 292 -0.41 -4.71 0.46
N GLY A 293 -1.05 -5.65 1.14
CA GLY A 293 -0.55 -7.01 1.20
C GLY A 293 -0.74 -7.86 -0.06
N ALA A 294 -1.60 -7.39 -0.96
CA ALA A 294 -1.85 -8.09 -2.20
C ALA A 294 -0.97 -7.65 -3.37
N ILE A 295 -0.28 -6.53 -3.23
CA ILE A 295 0.44 -5.91 -4.36
C ILE A 295 1.51 -6.81 -4.98
N GLY A 296 2.11 -7.70 -4.19
CA GLY A 296 3.09 -8.65 -4.70
C GLY A 296 2.50 -9.59 -5.73
N LEU A 297 1.26 -10.00 -5.51
CA LEU A 297 0.55 -10.82 -6.48
C LEU A 297 0.19 -10.02 -7.73
N ALA A 298 -0.27 -8.78 -7.53
CA ALA A 298 -0.52 -7.90 -8.69
C ALA A 298 0.73 -7.79 -9.55
N ALA A 299 1.89 -7.61 -8.90
CA ALA A 299 3.16 -7.55 -9.62
C ALA A 299 3.43 -8.84 -10.38
N ALA A 300 3.23 -9.98 -9.73
CA ALA A 300 3.44 -11.28 -10.37
C ALA A 300 2.53 -11.49 -11.58
N LEU A 301 1.34 -10.93 -11.53
CA LEU A 301 0.36 -11.06 -12.61
C LEU A 301 0.52 -10.03 -13.73
N SER A 302 1.33 -8.99 -13.52
CA SER A 302 1.45 -7.90 -14.51
C SER A 302 2.16 -8.27 -15.81
N ASP A 303 1.82 -7.54 -16.87
CA ASP A 303 2.51 -7.60 -18.17
C ASP A 303 3.96 -7.20 -17.98
N GLU A 304 4.17 -6.14 -17.20
CA GLU A 304 5.52 -5.65 -16.90
C GLU A 304 6.41 -6.79 -16.42
N PHE A 305 5.91 -7.62 -15.51
CA PHE A 305 6.71 -8.72 -14.98
C PHE A 305 6.82 -9.87 -15.99
N LYS A 306 5.69 -10.25 -16.58
CA LYS A 306 5.64 -11.42 -17.47
C LYS A 306 6.53 -11.29 -18.72
N GLN A 307 6.73 -10.05 -19.18
CA GLN A 307 7.58 -9.78 -20.33
C GLN A 307 9.02 -9.46 -19.94
N SER A 308 9.30 -9.46 -18.64
CA SER A 308 10.62 -9.12 -18.14
C SER A 308 11.55 -10.30 -18.22
N SER A 309 12.84 -10.01 -18.18
CA SER A 309 13.89 -11.02 -18.06
C SER A 309 13.79 -11.84 -16.76
N ALA A 310 13.37 -11.20 -15.68
CA ALA A 310 13.19 -11.88 -14.40
C ALA A 310 12.20 -13.05 -14.51
N TRP A 311 11.10 -12.83 -15.22
CA TRP A 311 10.10 -13.89 -15.44
C TRP A 311 10.67 -15.09 -16.19
N HIS A 312 11.38 -14.82 -17.30
CA HIS A 312 12.02 -15.88 -18.08
C HIS A 312 13.04 -16.67 -17.25
N GLU A 313 13.83 -15.96 -16.44
CA GLU A 313 14.82 -16.62 -15.55
C GLU A 313 14.20 -17.36 -14.35
N SER A 314 13.03 -16.92 -13.90
CA SER A 314 12.44 -17.43 -12.67
C SER A 314 11.80 -18.80 -12.85
N SER A 315 11.60 -19.47 -11.73
CA SER A 315 10.82 -20.70 -11.71
C SER A 315 9.92 -20.67 -10.46
N LYS A 316 10.56 -20.58 -9.29
CA LYS A 316 9.88 -20.62 -7.99
C LYS A 316 9.93 -19.24 -7.33
N ILE A 317 8.76 -18.61 -7.20
CA ILE A 317 8.64 -17.20 -6.81
C ILE A 317 7.96 -17.07 -5.45
N GLY A 318 8.65 -16.48 -4.48
CA GLY A 318 8.05 -16.15 -3.21
C GLY A 318 7.36 -14.79 -3.34
N ILE A 319 6.12 -14.72 -2.84
CA ILE A 319 5.33 -13.47 -2.73
C ILE A 319 5.15 -13.13 -1.24
N ILE A 320 5.62 -11.98 -0.81
CA ILE A 320 5.44 -11.61 0.60
C ILE A 320 4.07 -10.98 0.79
N VAL A 321 3.15 -11.71 1.40
CA VAL A 321 1.81 -11.19 1.72
C VAL A 321 1.96 -10.46 3.06
N SER A 322 2.09 -9.13 2.99
CA SER A 322 2.66 -8.37 4.09
C SER A 322 1.68 -8.06 5.24
N GLY A 323 0.38 -8.13 4.99
CA GLY A 323 -0.59 -7.83 6.03
C GLY A 323 -2.04 -8.07 5.67
N GLY A 324 -2.88 -8.10 6.70
CA GLY A 324 -4.32 -8.34 6.54
C GLY A 324 -5.23 -7.37 7.27
N ASN A 325 -4.73 -6.18 7.61
CA ASN A 325 -5.53 -5.23 8.37
C ASN A 325 -6.24 -4.25 7.47
N VAL A 326 -7.52 -4.53 7.26
CA VAL A 326 -8.34 -3.75 6.35
C VAL A 326 -9.76 -3.61 6.91
N ASP A 327 -10.36 -2.44 6.70
CA ASP A 327 -11.70 -2.16 7.16
C ASP A 327 -12.73 -2.67 6.16
N LEU A 328 -13.43 -3.73 6.53
CA LEU A 328 -14.44 -4.34 5.67
C LEU A 328 -15.86 -3.95 6.10
N GLY A 329 -15.99 -2.79 6.76
CA GLY A 329 -17.29 -2.30 7.25
C GLY A 329 -18.43 -2.42 6.24
N THR A 330 -18.14 -2.10 4.99
CA THR A 330 -19.08 -2.18 3.88
C THR A 330 -19.60 -3.60 3.63
N LEU A 331 -18.71 -4.57 3.73
CA LEU A 331 -19.08 -5.97 3.58
C LEU A 331 -20.08 -6.33 4.68
N TRP A 332 -19.72 -6.02 5.92
CA TRP A 332 -20.52 -6.44 7.07
C TRP A 332 -21.88 -5.78 7.11
N GLN A 333 -21.93 -4.50 6.79
CA GLN A 333 -23.20 -3.78 6.70
C GLN A 333 -24.11 -4.44 5.69
N SER A 334 -23.58 -4.77 4.51
CA SER A 334 -24.39 -5.46 3.49
C SER A 334 -24.85 -6.85 3.98
N MET A 335 -23.98 -7.58 4.68
CA MET A 335 -24.36 -8.89 5.20
C MET A 335 -25.46 -8.82 6.25
N TYR A 336 -25.35 -7.88 7.19
CA TYR A 336 -26.39 -7.70 8.20
C TYR A 336 -27.72 -7.32 7.55
N LYS A 337 -27.68 -6.50 6.51
CA LYS A 337 -28.88 -6.15 5.74
C LYS A 337 -29.49 -7.38 5.07
N HIS A 338 -28.63 -8.16 4.42
CA HIS A 338 -29.05 -9.31 3.63
C HIS A 338 -29.70 -10.38 4.48
N LEU A 339 -29.16 -10.66 5.65
CA LEU A 339 -29.76 -11.69 6.50
C LEU A 339 -31.19 -11.31 6.97
N GLU A 340 -31.42 -10.02 7.24
CA GLU A 340 -32.74 -9.52 7.61
C GLU A 340 -33.75 -9.74 6.47
N HIS A 341 -33.42 -9.22 5.29
CA HIS A 341 -34.25 -9.45 4.09
C HIS A 341 -34.53 -10.95 3.90
N HIS A 342 -33.47 -11.75 4.11
CA HIS A 342 -33.57 -13.18 3.94
C HIS A 342 -34.62 -13.80 4.89
N HIS A 343 -34.66 -13.32 6.13
CA HIS A 343 -35.67 -13.78 7.09
C HIS A 343 -37.04 -13.19 6.81
N HIS A 344 -37.05 -12.01 6.20
CA HIS A 344 -38.27 -11.41 5.67
C HIS A 344 -38.69 -12.18 4.42
N TYR B 16 -2.12 26.08 -21.80
CA TYR B 16 -1.21 26.43 -20.64
C TYR B 16 -1.85 27.53 -19.81
N ALA B 17 -1.29 27.76 -18.62
CA ALA B 17 -1.88 28.70 -17.65
C ALA B 17 -1.76 30.18 -18.07
N ALA B 18 -0.85 30.46 -18.99
CA ALA B 18 -0.66 31.79 -19.57
C ALA B 18 -0.39 31.55 -21.03
N ASP B 19 -0.46 32.63 -21.81
CA ASP B 19 -0.18 32.57 -23.25
C ASP B 19 0.37 33.91 -23.75
N ILE B 20 0.64 34.00 -25.05
CA ILE B 20 1.22 35.20 -25.61
C ILE B 20 0.33 36.41 -25.39
N ASP B 21 -1.00 36.22 -25.44
CA ASP B 21 -1.94 37.32 -25.18
C ASP B 21 -1.82 37.86 -23.75
N SER B 22 -1.76 36.98 -22.77
CA SER B 22 -1.67 37.40 -21.37
C SER B 22 -0.31 38.05 -21.08
N ILE B 23 0.71 37.60 -21.79
CA ILE B 23 2.06 38.14 -21.62
C ILE B 23 2.18 39.52 -22.26
N ARG B 24 1.65 39.69 -23.47
CA ARG B 24 1.56 41.02 -24.09
C ARG B 24 0.69 41.98 -23.29
N GLU B 25 -0.38 41.49 -22.67
CA GLU B 25 -1.15 42.35 -21.77
C GLU B 25 -0.32 42.77 -20.54
N ALA B 26 0.49 41.86 -20.02
CA ALA B 26 1.40 42.16 -18.92
C ALA B 26 2.40 43.27 -19.30
N GLN B 27 2.96 43.15 -20.50
CA GLN B 27 3.89 44.13 -21.05
C GLN B 27 3.35 45.56 -20.92
N ALA B 28 2.11 45.74 -21.37
CA ALA B 28 1.44 47.04 -21.32
C ALA B 28 1.11 47.41 -19.89
N ARG B 29 0.61 46.45 -19.13
CA ARG B 29 0.22 46.70 -17.76
C ARG B 29 1.37 47.22 -16.89
N ILE B 30 2.57 46.69 -17.06
CA ILE B 30 3.69 47.00 -16.16
C ILE B 30 4.65 48.03 -16.76
N ALA B 31 4.40 48.43 -18.00
CA ALA B 31 5.23 49.43 -18.68
C ALA B 31 5.46 50.70 -17.85
N PRO B 32 4.43 51.17 -17.13
CA PRO B 32 4.64 52.37 -16.32
C PRO B 32 5.52 52.16 -15.08
N TYR B 33 5.72 50.91 -14.68
CA TYR B 33 6.29 50.58 -13.38
C TYR B 33 7.69 49.96 -13.43
N VAL B 34 8.03 49.35 -14.56
CA VAL B 34 9.34 48.75 -14.72
C VAL B 34 9.92 49.22 -16.03
N HIS B 35 11.23 49.21 -16.15
CA HIS B 35 11.84 49.56 -17.41
C HIS B 35 12.44 48.32 -18.03
N ARG B 36 12.77 48.47 -19.29
CA ARG B 36 13.46 47.48 -20.06
C ARG B 36 14.86 47.30 -19.49
N THR B 37 15.26 46.08 -19.20
CA THR B 37 16.61 45.85 -18.73
C THR B 37 17.55 45.64 -19.92
N PRO B 38 18.83 46.03 -19.77
CA PRO B 38 19.80 45.89 -20.84
C PRO B 38 20.35 44.49 -20.99
N VAL B 39 21.04 44.32 -22.11
CA VAL B 39 21.72 43.11 -22.47
C VAL B 39 23.19 43.46 -22.51
N MET B 40 24.03 42.62 -21.90
CA MET B 40 25.49 42.78 -21.97
C MET B 40 26.15 41.61 -22.68
N SER B 41 27.34 41.83 -23.18
CA SER B 41 28.18 40.72 -23.67
C SER B 41 29.64 40.89 -23.28
N SER B 42 30.42 39.85 -23.52
CA SER B 42 31.83 39.81 -23.15
C SER B 42 32.55 38.91 -24.13
N THR B 43 33.53 39.47 -24.84
CA THR B 43 34.27 38.72 -25.85
C THR B 43 35.12 37.62 -25.21
N SER B 44 35.60 37.84 -23.99
CA SER B 44 36.40 36.84 -23.30
C SER B 44 35.55 35.64 -22.81
N ILE B 45 34.38 35.90 -22.25
CA ILE B 45 33.48 34.80 -21.87
C ILE B 45 33.04 34.07 -23.15
N ASP B 46 32.69 34.82 -24.19
CA ASP B 46 32.39 34.23 -25.50
C ASP B 46 33.49 33.28 -25.97
N ALA B 47 34.73 33.72 -25.84
CA ALA B 47 35.88 32.92 -26.26
C ALA B 47 36.02 31.64 -25.41
N MET B 48 35.62 31.68 -24.14
CA MET B 48 35.62 30.47 -23.30
C MET B 48 34.60 29.44 -23.75
N VAL B 49 33.42 29.92 -24.15
CA VAL B 49 32.33 29.06 -24.57
C VAL B 49 32.45 28.70 -26.04
N GLY B 50 33.00 29.60 -26.85
CA GLY B 50 33.01 29.43 -28.32
C GLY B 50 31.66 29.75 -28.95
N LYS B 51 30.85 30.50 -28.21
CA LYS B 51 29.55 30.95 -28.69
C LYS B 51 29.39 32.42 -28.33
N LYS B 52 28.35 33.04 -28.85
CA LYS B 52 28.03 34.43 -28.52
C LYS B 52 26.96 34.50 -27.46
N LEU B 53 27.34 35.00 -26.28
CA LEU B 53 26.44 35.08 -25.15
C LEU B 53 25.88 36.49 -25.01
N PHE B 54 24.60 36.56 -24.68
CA PHE B 54 23.92 37.82 -24.41
C PHE B 54 23.28 37.75 -23.04
N PHE B 55 23.83 38.52 -22.12
CA PHE B 55 23.34 38.53 -20.74
C PHE B 55 22.17 39.50 -20.56
N LYS B 56 20.98 38.93 -20.36
CA LYS B 56 19.79 39.71 -20.08
C LYS B 56 19.80 40.02 -18.58
N CYS B 57 20.02 41.30 -18.25
CA CYS B 57 20.34 41.70 -16.87
C CYS B 57 19.14 42.09 -15.99
N GLU B 58 18.42 41.09 -15.52
CA GLU B 58 17.30 41.30 -14.61
C GLU B 58 17.75 41.69 -13.20
N CYS B 59 19.05 41.52 -12.93
CA CYS B 59 19.65 42.09 -11.72
C CYS B 59 19.53 43.62 -11.69
N PHE B 60 19.39 44.24 -12.87
CA PHE B 60 19.20 45.69 -12.96
C PHE B 60 17.74 46.11 -12.94
N GLN B 61 16.82 45.16 -12.78
CA GLN B 61 15.39 45.47 -12.67
C GLN B 61 15.11 45.99 -11.26
N LYS B 62 13.99 46.69 -11.08
CA LYS B 62 13.62 47.17 -9.73
C LYS B 62 13.53 46.04 -8.71
N ALA B 63 13.86 46.39 -7.47
CA ALA B 63 14.01 45.47 -6.36
C ALA B 63 15.07 44.39 -6.59
N GLY B 64 15.91 44.58 -7.62
CA GLY B 64 17.10 43.79 -7.81
C GLY B 64 16.94 42.42 -8.44
N ALA B 65 15.75 42.16 -8.99
CA ALA B 65 15.50 40.88 -9.69
C ALA B 65 14.29 41.04 -10.64
N PHE B 66 14.03 39.98 -11.39
CA PHE B 66 12.97 39.98 -12.40
C PHE B 66 11.57 39.96 -11.81
N LYS B 67 11.49 39.65 -10.52
CA LYS B 67 10.23 39.24 -9.90
C LYS B 67 9.19 40.33 -9.79
N ILE B 68 9.62 41.58 -9.75
CA ILE B 68 8.69 42.71 -9.81
C ILE B 68 7.80 42.65 -11.07
N ARG B 69 8.26 41.99 -12.12
CA ARG B 69 7.45 41.90 -13.32
C ARG B 69 6.15 41.15 -13.05
N GLY B 70 6.29 39.92 -12.56
CA GLY B 70 5.12 39.12 -12.19
C GLY B 70 4.34 39.71 -11.02
N ALA B 71 5.03 40.27 -10.02
CA ALA B 71 4.32 40.83 -8.87
C ALA B 71 3.46 42.04 -9.28
N SER B 72 4.03 42.91 -10.14
CA SER B 72 3.32 44.08 -10.63
C SER B 72 2.14 43.68 -11.50
N ASN B 73 2.35 42.70 -12.35
CA ASN B 73 1.30 42.23 -13.23
C ASN B 73 0.13 41.72 -12.42
N SER B 74 0.43 40.91 -11.41
CA SER B 74 -0.58 40.34 -10.53
C SER B 74 -1.34 41.42 -9.80
N ILE B 75 -0.61 42.35 -9.18
CA ILE B 75 -1.25 43.41 -8.36
C ILE B 75 -2.05 44.40 -9.19
N PHE B 76 -1.49 44.83 -10.32
CA PHE B 76 -2.17 45.83 -11.16
C PHE B 76 -3.26 45.24 -12.04
N ALA B 77 -3.37 43.92 -12.11
CA ALA B 77 -4.48 43.29 -12.82
C ALA B 77 -5.76 43.28 -11.98
N LEU B 78 -5.62 43.49 -10.68
CA LEU B 78 -6.76 43.42 -9.77
C LEU B 78 -7.57 44.70 -9.84
N ASP B 79 -8.90 44.58 -9.81
CA ASP B 79 -9.78 45.76 -9.75
C ASP B 79 -9.82 46.31 -8.32
N ASP B 80 -10.32 47.52 -8.17
CA ASP B 80 -10.33 48.24 -6.88
C ASP B 80 -10.92 47.45 -5.72
N GLU B 81 -12.00 46.72 -5.98
CA GLU B 81 -12.66 45.91 -4.94
C GLU B 81 -11.74 44.83 -4.37
N GLN B 82 -11.11 44.06 -5.27
CA GLN B 82 -10.23 42.94 -4.86
C GLN B 82 -9.02 43.44 -4.09
N VAL B 83 -8.45 44.54 -4.58
CA VAL B 83 -7.21 45.09 -4.08
C VAL B 83 -7.43 45.95 -2.82
N SER B 84 -8.69 46.23 -2.51
CA SER B 84 -9.05 47.06 -1.34
C SER B 84 -8.64 46.45 0.00
N LYS B 85 -8.51 45.12 0.04
CA LYS B 85 -8.12 44.41 1.27
C LYS B 85 -6.61 44.13 1.29
N GLY B 86 -5.92 44.61 0.27
CA GLY B 86 -4.49 44.44 0.17
C GLY B 86 -4.06 43.10 -0.39
N VAL B 87 -2.83 42.76 -0.09
CA VAL B 87 -2.11 41.69 -0.76
C VAL B 87 -1.25 40.94 0.24
N VAL B 88 -1.09 39.64 0.02
CA VAL B 88 -0.31 38.81 0.95
C VAL B 88 0.57 37.83 0.18
N THR B 89 1.74 37.54 0.73
CA THR B 89 2.54 36.40 0.26
C THR B 89 3.41 35.84 1.39
N HIS B 90 3.97 34.66 1.17
CA HIS B 90 5.03 34.16 2.03
C HIS B 90 6.31 33.91 1.22
N SER B 91 7.42 34.44 1.71
CA SER B 91 8.68 34.36 0.99
C SER B 91 9.89 34.58 1.90
N SER B 92 10.93 33.79 1.68
CA SER B 92 12.22 34.03 2.31
C SER B 92 13.23 34.63 1.31
N GLY B 93 12.74 35.01 0.11
CA GLY B 93 13.61 35.51 -0.95
C GLY B 93 13.20 36.81 -1.62
N ASN B 94 13.52 36.91 -2.90
CA ASN B 94 13.29 38.12 -3.69
C ASN B 94 11.82 38.43 -3.92
N HIS B 95 10.97 37.42 -3.81
CA HIS B 95 9.53 37.59 -4.01
C HIS B 95 8.93 38.53 -2.97
N ALA B 96 9.38 38.41 -1.73
CA ALA B 96 8.89 39.24 -0.63
C ALA B 96 9.07 40.73 -0.95
N ALA B 97 10.28 41.12 -1.31
CA ALA B 97 10.57 42.50 -1.72
C ALA B 97 9.77 42.92 -2.97
N ALA B 98 9.62 42.02 -3.93
CA ALA B 98 8.93 42.37 -5.17
C ALA B 98 7.45 42.65 -4.94
N VAL B 99 6.84 41.83 -4.10
CA VAL B 99 5.44 42.05 -3.74
C VAL B 99 5.30 43.35 -2.96
N ALA B 100 6.19 43.61 -2.01
CA ALA B 100 6.11 44.84 -1.20
C ALA B 100 6.26 46.10 -2.07
N LEU B 101 7.19 46.08 -3.01
CA LEU B 101 7.36 47.19 -3.94
C LEU B 101 6.12 47.36 -4.82
N ALA B 102 5.64 46.26 -5.39
CA ALA B 102 4.46 46.31 -6.27
C ALA B 102 3.26 46.90 -5.52
N ALA B 103 3.09 46.44 -4.28
CA ALA B 103 2.04 46.92 -3.40
C ALA B 103 2.19 48.43 -3.15
N LYS B 104 3.42 48.85 -2.87
CA LYS B 104 3.71 50.25 -2.66
C LYS B 104 3.36 51.09 -3.89
N LEU B 105 3.68 50.59 -5.07
CA LEU B 105 3.39 51.31 -6.32
C LEU B 105 1.89 51.45 -6.60
N ARG B 106 1.10 50.43 -6.25
CA ARG B 106 -0.35 50.51 -6.45
C ARG B 106 -1.00 51.24 -5.27
N GLY B 107 -0.28 51.40 -4.17
CA GLY B 107 -0.76 52.13 -3.00
C GLY B 107 -1.69 51.33 -2.11
N ILE B 108 -1.30 50.10 -1.82
CA ILE B 108 -2.08 49.21 -0.96
C ILE B 108 -1.15 48.49 0.00
N PRO B 109 -1.70 48.01 1.12
CA PRO B 109 -0.85 47.29 2.04
C PRO B 109 -0.41 45.92 1.51
N ALA B 110 0.79 45.52 1.88
CA ALA B 110 1.33 44.22 1.56
C ALA B 110 1.66 43.52 2.87
N HIS B 111 1.05 42.36 3.06
CA HIS B 111 1.30 41.54 4.22
C HIS B 111 2.30 40.45 3.80
N ILE B 112 3.51 40.53 4.35
CA ILE B 112 4.59 39.65 3.90
C ILE B 112 4.98 38.72 5.04
N VAL B 113 4.80 37.41 4.81
CA VAL B 113 5.07 36.38 5.82
C VAL B 113 6.47 35.86 5.59
N ILE B 114 7.31 35.96 6.61
CA ILE B 114 8.74 35.67 6.47
C ILE B 114 9.22 34.76 7.61
N PRO B 115 9.96 33.67 7.26
CA PRO B 115 10.60 32.86 8.29
C PRO B 115 11.49 33.69 9.22
N ARG B 116 11.33 33.48 10.52
CA ARG B 116 12.03 34.28 11.55
C ARG B 116 13.48 33.85 11.72
N ALA B 120 18.20 36.85 5.53
CA ALA B 120 18.73 37.70 6.59
C ALA B 120 18.72 39.18 6.21
N SER B 121 19.23 39.48 5.02
CA SER B 121 19.26 40.84 4.49
C SER B 121 18.13 41.09 3.47
N LYS B 122 17.44 40.03 3.05
CA LYS B 122 16.27 40.17 2.20
C LYS B 122 15.06 40.63 3.01
N VAL B 123 15.17 40.51 4.33
CA VAL B 123 14.22 41.13 5.27
C VAL B 123 14.33 42.65 5.16
N GLU B 124 15.56 43.12 5.00
CA GLU B 124 15.85 44.55 4.87
C GLU B 124 15.17 45.16 3.66
N ASN B 125 15.24 44.46 2.53
CA ASN B 125 14.63 44.93 1.29
C ASN B 125 13.11 45.06 1.41
N VAL B 126 12.49 44.22 2.24
CA VAL B 126 11.05 44.28 2.46
C VAL B 126 10.69 45.53 3.25
N LYS B 127 11.42 45.77 4.35
CA LYS B 127 11.20 46.95 5.17
C LYS B 127 11.44 48.19 4.29
N CYS B 128 12.48 48.11 3.47
CA CYS B 128 12.77 49.11 2.44
C CYS B 128 11.49 49.65 1.78
N TYR B 129 10.64 48.76 1.30
CA TYR B 129 9.45 49.18 0.55
C TYR B 129 8.18 49.24 1.41
N GLY B 130 8.32 49.26 2.73
CA GLY B 130 7.14 49.40 3.62
C GLY B 130 6.28 48.15 3.76
N GLY B 131 6.85 46.97 3.53
CA GLY B 131 6.09 45.73 3.68
C GLY B 131 5.76 45.44 5.14
N HIS B 132 4.50 45.11 5.43
CA HIS B 132 4.10 44.76 6.79
C HIS B 132 4.50 43.31 7.08
N ILE B 133 5.58 43.16 7.83
CA ILE B 133 6.13 41.82 8.10
C ILE B 133 5.30 41.08 9.14
N ILE B 134 5.14 39.79 8.91
CA ILE B 134 4.50 38.89 9.85
C ILE B 134 5.38 37.65 9.89
N TRP B 135 5.84 37.30 11.09
CA TRP B 135 6.83 36.22 11.23
C TRP B 135 6.20 34.84 11.19
N SER B 136 6.98 33.88 10.69
CA SER B 136 6.61 32.48 10.74
C SER B 136 7.86 31.69 11.09
N ASP B 137 7.69 30.41 11.39
CA ASP B 137 8.81 29.50 11.56
C ASP B 137 9.31 29.06 10.18
N ALA B 138 10.42 28.33 10.17
CA ALA B 138 11.14 28.02 8.91
C ALA B 138 10.40 27.11 7.92
N SER B 139 9.55 26.22 8.43
CA SER B 139 8.94 25.20 7.57
C SER B 139 7.93 25.79 6.59
N ILE B 140 7.87 25.21 5.40
CA ILE B 140 6.84 25.54 4.42
C ILE B 140 5.44 25.44 5.03
N GLU B 141 5.21 24.44 5.87
CA GLU B 141 3.91 24.27 6.50
C GLU B 141 3.59 25.46 7.41
N SER B 142 4.59 25.91 8.17
CA SER B 142 4.41 27.07 9.06
C SER B 142 4.16 28.35 8.26
N ARG B 143 4.93 28.52 7.18
CA ARG B 143 4.78 29.65 6.28
C ARG B 143 3.41 29.64 5.63
N GLU B 144 3.01 28.48 5.08
CA GLU B 144 1.68 28.31 4.49
C GLU B 144 0.53 28.48 5.50
N TYR B 145 0.78 28.16 6.77
CA TYR B 145 -0.24 28.31 7.83
C TYR B 145 -0.51 29.78 8.13
N VAL B 146 0.55 30.54 8.37
CA VAL B 146 0.43 31.96 8.66
C VAL B 146 -0.12 32.72 7.43
N SER B 147 0.40 32.43 6.25
CA SER B 147 -0.13 33.08 5.02
C SER B 147 -1.65 32.88 4.94
N LYS B 148 -2.11 31.63 5.13
CA LYS B 148 -3.55 31.35 5.16
C LYS B 148 -4.28 32.12 6.26
N ARG B 149 -3.70 32.20 7.46
CA ARG B 149 -4.31 32.92 8.57
C ARG B 149 -4.44 34.42 8.28
N VAL B 150 -3.39 35.00 7.70
CA VAL B 150 -3.44 36.39 7.26
C VAL B 150 -4.51 36.59 6.21
N GLN B 151 -4.61 35.65 5.26
CA GLN B 151 -5.59 35.75 4.18
C GLN B 151 -7.03 35.69 4.70
N GLU B 152 -7.26 34.84 5.71
CA GLU B 152 -8.56 34.75 6.36
C GLU B 152 -8.86 36.01 7.20
N GLU B 153 -7.87 36.53 7.91
CA GLU B 153 -8.05 37.74 8.72
C GLU B 153 -8.31 38.99 7.90
N THR B 154 -7.55 39.16 6.82
CA THR B 154 -7.60 40.40 6.03
C THR B 154 -8.48 40.30 4.80
N GLY B 155 -8.58 39.10 4.23
CA GLY B 155 -9.16 38.94 2.89
C GLY B 155 -8.20 39.37 1.78
N ALA B 156 -6.95 39.70 2.14
CA ALA B 156 -5.94 40.09 1.16
C ALA B 156 -5.78 39.01 0.09
N VAL B 157 -5.41 39.39 -1.11
CA VAL B 157 -5.25 38.40 -2.18
C VAL B 157 -3.81 37.86 -2.20
N LEU B 158 -3.70 36.55 -2.33
CA LEU B 158 -2.43 35.87 -2.38
C LEU B 158 -1.74 36.14 -3.70
N ILE B 159 -0.47 36.53 -3.65
CA ILE B 159 0.37 36.72 -4.85
C ILE B 159 1.38 35.57 -4.85
N HIS B 160 1.30 34.72 -5.87
N HIS B 160 1.27 34.63 -5.80
CA HIS B 160 2.11 33.50 -5.95
CA HIS B 160 2.12 33.43 -5.78
C HIS B 160 3.49 33.83 -6.49
C HIS B 160 3.44 33.72 -6.48
N PRO B 161 4.54 33.22 -5.93
CA PRO B 161 5.85 33.53 -6.52
C PRO B 161 6.16 32.89 -7.87
N ILE B 162 5.43 31.84 -8.25
CA ILE B 162 5.77 30.98 -9.41
C ILE B 162 4.45 30.57 -10.13
N ASN B 163 3.50 30.02 -9.37
CA ASN B 163 2.40 29.20 -9.87
C ASN B 163 1.09 29.97 -10.03
N SER B 164 1.05 30.88 -11.00
CA SER B 164 -0.19 31.57 -11.35
C SER B 164 -0.06 32.21 -12.73
N LYS B 165 -1.20 32.36 -13.38
CA LYS B 165 -1.28 32.99 -14.67
C LYS B 165 -0.61 34.37 -14.69
N TYR B 166 -0.93 35.19 -13.70
CA TYR B 166 -0.48 36.58 -13.71
C TYR B 166 1.03 36.71 -13.46
N THR B 167 1.58 35.91 -12.55
CA THR B 167 3.05 36.01 -12.36
C THR B 167 3.80 35.40 -13.52
N ILE B 168 3.31 34.27 -14.07
CA ILE B 168 3.94 33.70 -15.27
C ILE B 168 3.90 34.73 -16.43
N SER B 169 2.76 35.37 -16.59
CA SER B 169 2.58 36.39 -17.64
C SER B 169 3.55 37.58 -17.52
N GLY B 170 3.72 38.12 -16.33
CA GLY B 170 4.72 39.19 -16.12
C GLY B 170 6.14 38.74 -16.43
N GLN B 171 6.51 37.56 -15.92
CA GLN B 171 7.82 36.98 -16.21
C GLN B 171 8.13 36.87 -17.71
N GLY B 172 7.12 36.54 -18.51
CA GLY B 172 7.31 36.40 -19.94
C GLY B 172 7.71 37.68 -20.65
N THR B 173 7.50 38.84 -20.03
CA THR B 173 7.96 40.08 -20.63
C THR B 173 9.49 40.12 -20.80
N VAL B 174 10.22 39.34 -20.00
CA VAL B 174 11.66 39.20 -20.16
C VAL B 174 11.97 38.76 -21.59
N SER B 175 11.17 37.83 -22.13
CA SER B 175 11.37 37.32 -23.48
C SER B 175 11.02 38.30 -24.60
N LEU B 176 9.88 38.96 -24.45
CA LEU B 176 9.48 40.00 -25.40
C LEU B 176 10.62 41.00 -25.58
N GLU B 177 11.19 41.44 -24.46
CA GLU B 177 12.28 42.41 -24.50
C GLU B 177 13.52 41.83 -25.18
N LEU B 178 13.96 40.68 -24.70
CA LEU B 178 15.18 40.04 -25.20
C LEU B 178 15.17 39.77 -26.71
N LEU B 179 14.05 39.31 -27.21
CA LEU B 179 13.95 38.99 -28.62
C LEU B 179 13.79 40.23 -29.50
N GLU B 180 13.39 41.37 -28.92
CA GLU B 180 13.48 42.64 -29.65
C GLU B 180 14.90 43.20 -29.64
N GLN B 181 15.60 43.01 -28.52
CA GLN B 181 16.96 43.50 -28.35
C GLN B 181 17.96 42.70 -29.17
N VAL B 182 17.78 41.38 -29.22
CA VAL B 182 18.69 40.52 -29.96
C VAL B 182 17.85 39.55 -30.78
N PRO B 183 17.34 40.02 -31.93
CA PRO B 183 16.40 39.23 -32.75
C PRO B 183 16.89 37.84 -33.16
N GLU B 184 18.20 37.67 -33.28
CA GLU B 184 18.77 36.42 -33.82
C GLU B 184 18.99 35.34 -32.76
N ILE B 185 18.59 35.58 -31.51
CA ILE B 185 18.82 34.60 -30.44
C ILE B 185 18.16 33.29 -30.83
N ASP B 186 18.92 32.20 -30.73
CA ASP B 186 18.46 30.85 -31.07
C ASP B 186 18.32 29.91 -29.84
N THR B 187 18.95 30.26 -28.73
CA THR B 187 18.80 29.54 -27.46
C THR B 187 18.84 30.48 -26.23
N ILE B 188 18.12 30.08 -25.18
CA ILE B 188 18.02 30.86 -23.96
C ILE B 188 18.17 29.93 -22.76
N ILE B 189 19.09 30.29 -21.87
CA ILE B 189 19.37 29.54 -20.66
C ILE B 189 18.78 30.34 -19.50
N VAL B 190 17.93 29.68 -18.72
CA VAL B 190 17.13 30.31 -17.68
C VAL B 190 17.26 29.55 -16.33
N PRO B 191 17.61 30.27 -15.25
CA PRO B 191 17.55 29.66 -13.92
C PRO B 191 16.15 29.15 -13.58
N ILE B 192 16.07 28.03 -12.84
CA ILE B 192 14.78 27.41 -12.52
C ILE B 192 14.70 27.02 -11.02
N SER B 193 13.58 27.39 -10.40
CA SER B 193 13.24 26.97 -9.04
C SER B 193 11.80 26.46 -9.07
N GLY B 194 10.84 27.38 -8.99
CA GLY B 194 9.43 27.06 -9.08
C GLY B 194 8.97 26.95 -10.52
N GLY B 195 9.73 27.57 -11.43
CA GLY B 195 9.47 27.48 -12.84
C GLY B 195 8.68 28.63 -13.43
N GLY B 196 8.44 29.67 -12.63
CA GLY B 196 7.66 30.81 -13.10
C GLY B 196 8.35 31.58 -14.20
N LEU B 197 9.64 31.89 -14.00
CA LEU B 197 10.44 32.64 -14.94
C LEU B 197 10.55 31.89 -16.25
N ILE B 198 10.96 30.63 -16.16
CA ILE B 198 11.18 29.85 -17.39
C ILE B 198 9.87 29.60 -18.14
N SER B 199 8.75 29.47 -17.42
CA SER B 199 7.46 29.24 -18.07
C SER B 199 7.08 30.48 -18.89
N GLY B 200 7.19 31.66 -18.26
CA GLY B 200 6.96 32.92 -18.97
C GLY B 200 7.90 33.09 -20.15
N VAL B 201 9.19 32.96 -19.90
CA VAL B 201 10.19 33.09 -20.94
C VAL B 201 9.92 32.15 -22.12
N ALA B 202 9.56 30.91 -21.82
CA ALA B 202 9.40 29.90 -22.87
C ALA B 202 8.11 30.13 -23.67
N LEU B 203 7.03 30.46 -22.99
CA LEU B 203 5.76 30.70 -23.66
C LEU B 203 5.86 31.89 -24.62
N ALA B 204 6.50 32.97 -24.18
CA ALA B 204 6.69 34.14 -25.08
C ALA B 204 7.66 33.82 -26.21
N ALA B 205 8.80 33.23 -25.90
CA ALA B 205 9.81 32.92 -26.91
C ALA B 205 9.29 31.95 -27.99
N LYS B 206 8.55 30.92 -27.59
CA LYS B 206 8.01 29.94 -28.55
C LYS B 206 6.91 30.55 -29.42
N ALA B 207 6.10 31.43 -28.85
CA ALA B 207 5.11 32.19 -29.62
C ALA B 207 5.76 33.02 -30.73
N ILE B 208 6.89 33.65 -30.41
CA ILE B 208 7.60 34.51 -31.35
C ILE B 208 8.42 33.71 -32.35
N ASN B 209 9.07 32.65 -31.88
CA ASN B 209 9.91 31.82 -32.72
C ASN B 209 9.95 30.39 -32.16
N PRO B 210 9.11 29.50 -32.70
CA PRO B 210 9.01 28.08 -32.33
C PRO B 210 10.33 27.28 -32.34
N SER B 211 11.34 27.72 -33.07
CA SER B 211 12.62 27.00 -33.12
C SER B 211 13.65 27.39 -32.06
N ILE B 212 13.36 28.43 -31.28
CA ILE B 212 14.24 28.80 -30.16
C ILE B 212 14.32 27.65 -29.16
N ARG B 213 15.53 27.29 -28.75
CA ARG B 213 15.72 26.27 -27.71
C ARG B 213 15.77 26.94 -26.33
N ILE B 214 14.88 26.52 -25.44
CA ILE B 214 14.87 26.97 -24.05
C ILE B 214 15.49 25.89 -23.16
N LEU B 215 16.49 26.30 -22.38
CA LEU B 215 17.18 25.39 -21.51
C LEU B 215 17.12 25.94 -20.09
N ALA B 216 16.88 25.04 -19.15
CA ALA B 216 16.88 25.40 -17.74
C ALA B 216 18.27 25.18 -17.14
N ALA B 217 18.58 25.97 -16.13
CA ALA B 217 19.82 25.83 -15.37
C ALA B 217 19.47 25.63 -13.89
N GLU B 218 19.94 24.52 -13.33
CA GLU B 218 19.50 24.05 -12.01
C GLU B 218 20.67 23.52 -11.17
N PRO B 219 20.66 23.78 -9.84
CA PRO B 219 21.75 23.25 -9.01
C PRO B 219 21.69 21.74 -8.84
N LYS B 220 22.86 21.11 -8.74
CA LYS B 220 22.98 19.67 -8.50
C LYS B 220 22.24 19.27 -7.22
N GLY B 221 22.38 20.07 -6.16
CA GLY B 221 21.68 19.83 -4.89
C GLY B 221 20.21 20.22 -4.84
N ALA B 222 19.63 20.63 -5.96
CA ALA B 222 18.19 20.93 -6.03
C ALA B 222 17.67 20.71 -7.44
N ASP B 223 17.94 19.52 -7.95
CA ASP B 223 17.72 19.15 -9.35
C ASP B 223 16.37 18.47 -9.63
N ASP B 224 15.35 18.86 -8.89
CA ASP B 224 14.01 18.30 -9.05
C ASP B 224 13.39 18.56 -10.39
N SER B 225 13.73 19.70 -11.02
CA SER B 225 13.21 19.97 -12.38
C SER B 225 13.77 18.99 -13.40
N ALA B 226 15.06 18.73 -13.33
CA ALA B 226 15.70 17.69 -14.17
C ALA B 226 15.05 16.31 -13.90
N GLN B 227 14.89 15.97 -12.62
CA GLN B 227 14.27 14.69 -12.26
C GLN B 227 12.85 14.61 -12.81
N SER B 228 12.15 15.74 -12.77
CA SER B 228 10.77 15.78 -13.19
C SER B 228 10.66 15.54 -14.70
N LYS B 229 11.56 16.12 -15.48
CA LYS B 229 11.55 15.94 -16.93
C LYS B 229 11.86 14.50 -17.29
N ALA B 230 12.80 13.90 -16.60
CA ALA B 230 13.14 12.48 -16.80
C ALA B 230 11.94 11.58 -16.49
N ALA B 231 11.20 11.91 -15.43
CA ALA B 231 10.13 11.04 -14.96
C ALA B 231 8.80 11.28 -15.68
N GLY B 232 8.64 12.41 -16.35
CA GLY B 232 7.38 12.72 -17.05
C GLY B 232 6.30 13.20 -16.11
N LYS B 233 6.70 13.64 -14.92
CA LYS B 233 5.79 14.23 -13.97
C LYS B 233 6.56 14.98 -12.88
N ILE B 234 5.83 15.71 -12.06
CA ILE B 234 6.44 16.44 -10.97
C ILE B 234 7.06 15.51 -9.93
N ILE B 235 8.36 15.69 -9.75
CA ILE B 235 9.16 14.96 -8.78
C ILE B 235 9.66 15.94 -7.72
N THR B 236 9.76 15.49 -6.48
CA THR B 236 10.32 16.32 -5.42
C THR B 236 11.50 15.64 -4.76
N LEU B 237 12.14 16.34 -3.82
CA LEU B 237 13.33 15.85 -3.15
C LEU B 237 13.13 15.91 -1.65
N PRO B 238 13.72 14.98 -0.89
CA PRO B 238 13.55 15.01 0.55
C PRO B 238 14.26 16.17 1.23
N SER B 239 15.18 16.81 0.53
CA SER B 239 15.83 18.01 0.98
C SER B 239 16.51 18.66 -0.22
N THR B 240 16.99 19.90 -0.04
CA THR B 240 17.84 20.52 -1.02
C THR B 240 19.14 20.92 -0.32
N ASN B 241 20.20 21.03 -1.10
CA ASN B 241 21.48 21.42 -0.57
C ASN B 241 22.18 22.29 -1.61
N THR B 242 21.82 23.57 -1.65
CA THR B 242 22.48 24.48 -2.55
C THR B 242 22.69 25.86 -1.96
N ILE B 243 23.83 26.43 -2.33
CA ILE B 243 24.18 27.79 -2.01
C ILE B 243 23.29 28.79 -2.79
N ALA B 244 22.66 28.32 -3.86
CA ALA B 244 21.76 29.16 -4.65
C ALA B 244 20.41 29.26 -3.94
N ASP B 245 20.32 30.22 -3.01
CA ASP B 245 19.19 30.29 -2.08
C ASP B 245 17.82 30.54 -2.69
N GLY B 246 17.80 31.09 -3.92
CA GLY B 246 16.54 31.30 -4.62
C GLY B 246 16.12 30.12 -5.50
N LEU B 247 16.92 29.04 -5.53
CA LEU B 247 16.64 27.93 -6.46
C LEU B 247 16.27 26.63 -5.76
N ARG B 248 15.65 26.76 -4.59
CA ARG B 248 15.34 25.61 -3.72
C ARG B 248 13.88 25.14 -3.74
N ALA B 249 13.04 25.75 -4.57
CA ALA B 249 11.63 25.35 -4.63
C ALA B 249 11.40 24.15 -5.55
N PHE B 250 10.18 23.65 -5.52
CA PHE B 250 9.74 22.60 -6.42
C PHE B 250 8.73 23.20 -7.39
N LEU B 251 8.53 22.52 -8.52
CA LEU B 251 7.63 22.99 -9.56
C LEU B 251 6.18 23.01 -9.12
N GLY B 252 5.39 23.89 -9.73
CA GLY B 252 3.96 23.96 -9.44
C GLY B 252 3.19 23.29 -10.57
N ASP B 253 1.91 23.01 -10.31
CA ASP B 253 1.07 22.35 -11.32
C ASP B 253 0.77 23.22 -12.52
N LEU B 254 1.07 24.54 -12.44
CA LEU B 254 0.93 25.38 -13.65
C LEU B 254 2.25 25.57 -14.41
N THR B 255 3.39 25.45 -13.73
CA THR B 255 4.68 25.62 -14.42
C THR B 255 5.18 24.32 -15.07
N TRP B 256 4.89 23.19 -14.43
CA TRP B 256 5.38 21.89 -14.92
C TRP B 256 4.99 21.62 -16.38
N PRO B 257 3.71 21.85 -16.77
CA PRO B 257 3.33 21.53 -18.15
C PRO B 257 4.12 22.31 -19.21
N VAL B 258 4.54 23.54 -18.87
CA VAL B 258 5.36 24.35 -19.76
C VAL B 258 6.79 23.82 -19.77
N VAL B 259 7.31 23.49 -18.59
CA VAL B 259 8.64 22.88 -18.48
C VAL B 259 8.69 21.51 -19.20
N ARG B 260 7.63 20.73 -19.07
CA ARG B 260 7.54 19.42 -19.76
C ARG B 260 7.57 19.55 -21.28
N ASP B 261 6.79 20.49 -21.81
CA ASP B 261 6.58 20.63 -23.26
C ASP B 261 7.50 21.59 -23.99
N LEU B 262 7.84 22.73 -23.37
CA LEU B 262 8.51 23.83 -24.10
C LEU B 262 9.99 24.06 -23.75
N VAL B 263 10.48 23.37 -22.72
CA VAL B 263 11.88 23.44 -22.31
C VAL B 263 12.57 22.16 -22.74
N ASP B 264 13.64 22.26 -23.52
CA ASP B 264 14.28 21.08 -24.13
C ASP B 264 15.08 20.23 -23.16
N ASP B 265 15.72 20.88 -22.20
CA ASP B 265 16.58 20.16 -21.28
C ASP B 265 16.88 21.00 -20.04
N VAL B 266 17.32 20.34 -18.99
CA VAL B 266 17.80 20.99 -17.80
C VAL B 266 19.31 20.73 -17.66
N ILE B 267 20.10 21.80 -17.60
CA ILE B 267 21.55 21.69 -17.40
C ILE B 267 21.79 21.79 -15.91
N VAL B 268 22.28 20.71 -15.33
CA VAL B 268 22.45 20.60 -13.89
C VAL B 268 23.91 20.93 -13.59
N VAL B 269 24.15 21.86 -12.67
CA VAL B 269 25.53 22.28 -12.36
C VAL B 269 25.74 22.27 -10.86
N ASP B 270 26.96 22.05 -10.40
CA ASP B 270 27.20 22.02 -8.95
C ASP B 270 27.55 23.40 -8.36
N ASP B 271 27.58 23.47 -7.04
CA ASP B 271 27.74 24.75 -6.33
C ASP B 271 29.08 25.41 -6.59
N THR B 272 30.12 24.63 -6.83
CA THR B 272 31.44 25.26 -7.09
C THR B 272 31.44 25.90 -8.49
N ALA B 273 30.75 25.27 -9.45
CA ALA B 273 30.55 25.92 -10.75
C ALA B 273 29.72 27.20 -10.62
N ILE B 274 28.72 27.19 -9.74
CA ILE B 274 27.88 28.39 -9.50
C ILE B 274 28.71 29.54 -8.88
N VAL B 275 29.52 29.22 -7.87
CA VAL B 275 30.45 30.19 -7.33
C VAL B 275 31.45 30.69 -8.37
N ASP B 276 32.03 29.80 -9.18
CA ASP B 276 32.96 30.23 -10.25
C ASP B 276 32.29 31.22 -11.22
N ALA B 277 31.03 30.94 -11.56
CA ALA B 277 30.29 31.80 -12.47
C ALA B 277 30.02 33.15 -11.84
N MET B 278 29.62 33.15 -10.57
CA MET B 278 29.41 34.38 -9.82
C MET B 278 30.67 35.24 -9.85
N LYS B 279 31.81 34.60 -9.55
CA LYS B 279 33.11 35.25 -9.56
C LYS B 279 33.32 35.94 -10.90
N MET B 280 33.03 35.19 -11.96
CA MET B 280 33.15 35.68 -13.30
C MET B 280 32.24 36.89 -13.57
N CYS B 281 31.02 36.84 -13.04
CA CYS B 281 30.10 37.97 -13.21
C CYS B 281 30.69 39.23 -12.57
N TYR B 282 31.17 39.10 -11.34
CA TYR B 282 31.78 40.25 -10.65
C TYR B 282 33.03 40.76 -11.39
N GLU B 283 33.92 39.84 -11.77
CA GLU B 283 35.24 40.20 -12.26
C GLU B 283 35.34 40.52 -13.72
N ILE B 284 34.57 39.83 -14.56
CA ILE B 284 34.62 40.07 -16.00
C ILE B 284 33.51 41.03 -16.43
N LEU B 285 32.29 40.78 -15.98
CA LEU B 285 31.15 41.61 -16.38
C LEU B 285 30.96 42.86 -15.51
N LYS B 286 31.50 42.85 -14.30
CA LYS B 286 31.34 43.92 -13.32
C LYS B 286 29.88 44.06 -12.84
N VAL B 287 29.19 42.93 -12.82
CA VAL B 287 27.81 42.86 -12.36
C VAL B 287 27.75 42.14 -11.02
N ALA B 288 27.20 42.82 -10.02
CA ALA B 288 27.14 42.30 -8.65
C ALA B 288 25.93 41.37 -8.46
N VAL B 289 26.06 40.16 -9.00
CA VAL B 289 24.98 39.18 -8.97
C VAL B 289 24.89 38.46 -7.61
N GLU B 290 23.73 37.87 -7.35
CA GLU B 290 23.60 36.84 -6.31
C GLU B 290 23.88 35.47 -6.96
N PRO B 291 24.22 34.46 -6.14
CA PRO B 291 24.56 33.15 -6.72
C PRO B 291 23.44 32.57 -7.60
N SER B 292 22.19 32.69 -7.18
CA SER B 292 21.06 32.21 -7.99
C SER B 292 21.01 32.86 -9.36
N GLY B 293 21.46 34.11 -9.43
CA GLY B 293 21.49 34.86 -10.67
C GLY B 293 22.62 34.49 -11.60
N ALA B 294 23.62 33.78 -11.09
CA ALA B 294 24.80 33.39 -11.87
C ALA B 294 24.68 32.02 -12.57
N ILE B 295 23.68 31.23 -12.19
CA ILE B 295 23.66 29.80 -12.60
C ILE B 295 23.54 29.60 -14.11
N GLY B 296 22.93 30.56 -14.81
CA GLY B 296 22.86 30.48 -16.28
C GLY B 296 24.22 30.50 -16.95
N LEU B 297 25.13 31.30 -16.40
CA LEU B 297 26.51 31.34 -16.89
C LEU B 297 27.22 30.03 -16.59
N ALA B 298 27.06 29.53 -15.37
CA ALA B 298 27.60 28.23 -15.01
C ALA B 298 27.14 27.16 -16.02
N ALA B 299 25.85 27.12 -16.29
CA ALA B 299 25.29 26.19 -17.27
C ALA B 299 25.95 26.35 -18.65
N ALA B 300 26.14 27.60 -19.09
CA ALA B 300 26.74 27.89 -20.38
C ALA B 300 28.20 27.44 -20.46
N LEU B 301 28.90 27.47 -19.33
CA LEU B 301 30.31 27.09 -19.27
C LEU B 301 30.53 25.60 -19.04
N SER B 302 29.48 24.86 -18.70
CA SER B 302 29.60 23.48 -18.22
C SER B 302 29.87 22.48 -19.35
N ASP B 303 30.56 21.38 -19.02
CA ASP B 303 30.71 20.28 -19.97
C ASP B 303 29.34 19.66 -20.30
N GLU B 304 28.40 19.68 -19.36
CA GLU B 304 27.07 19.11 -19.60
C GLU B 304 26.33 19.85 -20.73
N PHE B 305 26.53 21.17 -20.84
CA PHE B 305 25.96 21.92 -21.96
C PHE B 305 26.66 21.56 -23.26
N LYS B 306 27.98 21.41 -23.22
CA LYS B 306 28.73 20.88 -24.36
C LYS B 306 28.49 19.36 -24.51
N ALA B 310 21.88 20.74 -27.86
CA ALA B 310 21.75 22.20 -27.99
C ALA B 310 23.08 22.84 -28.33
N TRP B 311 24.15 22.29 -27.78
CA TRP B 311 25.50 22.77 -28.00
C TRP B 311 25.78 23.11 -29.47
N HIS B 312 25.69 22.09 -30.31
CA HIS B 312 26.11 22.18 -31.71
C HIS B 312 25.29 23.19 -32.51
N GLU B 313 23.98 23.18 -32.32
CA GLU B 313 23.10 24.06 -33.09
C GLU B 313 23.17 25.50 -32.59
N SER B 314 23.55 25.69 -31.33
CA SER B 314 23.50 27.02 -30.73
C SER B 314 24.49 27.96 -31.40
N SER B 315 24.20 29.26 -31.37
CA SER B 315 25.12 30.27 -31.88
C SER B 315 25.03 31.53 -31.02
N LYS B 316 23.83 32.12 -30.96
CA LYS B 316 23.57 33.26 -30.11
C LYS B 316 22.67 32.87 -28.93
N ILE B 317 23.24 32.96 -27.74
CA ILE B 317 22.62 32.40 -26.55
C ILE B 317 22.30 33.51 -25.56
N GLY B 318 21.03 33.65 -25.26
CA GLY B 318 20.57 34.48 -24.15
C GLY B 318 20.78 33.77 -22.83
N ILE B 319 21.30 34.51 -21.86
CA ILE B 319 21.48 34.04 -20.49
C ILE B 319 20.67 34.98 -19.62
N ILE B 320 19.69 34.47 -18.87
CA ILE B 320 18.96 35.34 -17.97
C ILE B 320 19.71 35.44 -16.62
N VAL B 321 20.23 36.64 -16.35
CA VAL B 321 20.91 36.94 -15.09
C VAL B 321 19.81 37.51 -14.20
N SER B 322 19.32 36.65 -13.30
CA SER B 322 18.00 36.80 -12.73
C SER B 322 17.91 37.67 -11.48
N GLY B 323 19.03 37.93 -10.79
CA GLY B 323 19.00 38.78 -9.61
C GLY B 323 20.36 39.17 -9.06
N GLY B 324 20.36 40.19 -8.22
CA GLY B 324 21.57 40.65 -7.55
C GLY B 324 21.43 40.99 -6.07
N ASN B 325 20.47 40.37 -5.37
CA ASN B 325 20.27 40.64 -3.95
C ASN B 325 21.05 39.65 -3.11
N VAL B 326 22.20 40.11 -2.61
CA VAL B 326 23.15 39.22 -1.98
C VAL B 326 23.81 39.94 -0.81
N ASP B 327 24.16 39.16 0.21
CA ASP B 327 24.79 39.68 1.41
C ASP B 327 26.28 39.84 1.15
N LEU B 328 26.75 41.09 1.19
CA LEU B 328 28.18 41.38 1.00
C LEU B 328 28.78 42.02 2.26
N GLY B 329 28.29 41.59 3.43
CA GLY B 329 28.74 42.11 4.72
C GLY B 329 30.24 41.98 4.95
N THR B 330 30.82 40.81 4.64
CA THR B 330 32.24 40.58 4.87
C THR B 330 33.10 41.44 3.96
N LEU B 331 32.52 41.93 2.86
CA LEU B 331 33.21 42.90 2.01
C LEU B 331 33.26 44.27 2.68
N TRP B 332 32.11 44.74 3.17
CA TRP B 332 32.05 46.09 3.75
C TRP B 332 32.82 46.15 5.08
N GLN B 333 32.91 45.02 5.77
CA GLN B 333 33.76 44.84 6.96
C GLN B 333 35.22 45.09 6.60
N SER B 334 35.75 44.32 5.66
CA SER B 334 37.10 44.55 5.12
C SER B 334 37.33 46.02 4.73
N MET B 335 36.29 46.64 4.18
CA MET B 335 36.37 48.02 3.67
C MET B 335 36.49 49.03 4.80
N TYR B 336 35.52 49.02 5.72
CA TYR B 336 35.51 49.96 6.83
C TYR B 336 36.65 49.66 7.82
N LYS B 337 37.18 48.44 7.77
CA LYS B 337 38.31 48.03 8.60
C LYS B 337 39.62 48.62 8.12
N HIS B 338 39.85 48.60 6.81
CA HIS B 338 41.05 49.13 6.22
C HIS B 338 40.73 50.33 5.32
N LEU B 339 40.48 51.51 5.90
CA LEU B 339 40.60 51.78 7.34
C LEU B 339 39.70 52.95 7.74
N TYR C 16 -22.12 -48.81 12.62
CA TYR C 16 -22.33 -47.53 11.86
C TYR C 16 -21.85 -47.66 10.42
N ALA C 17 -22.20 -46.69 9.59
CA ALA C 17 -21.94 -46.79 8.15
C ALA C 17 -20.45 -46.71 7.80
N ALA C 18 -19.68 -46.13 8.71
CA ALA C 18 -18.23 -46.12 8.62
C ALA C 18 -17.65 -46.46 9.97
N ASP C 19 -16.36 -46.78 10.00
CA ASP C 19 -15.62 -47.01 11.24
C ASP C 19 -14.15 -46.61 11.11
N ILE C 20 -13.41 -46.66 12.21
CA ILE C 20 -12.00 -46.28 12.18
C ILE C 20 -11.22 -46.96 11.05
N ASP C 21 -11.48 -48.25 10.81
CA ASP C 21 -10.84 -48.96 9.70
C ASP C 21 -11.12 -48.28 8.36
N SER C 22 -12.39 -48.06 8.04
CA SER C 22 -12.74 -47.46 6.75
C SER C 22 -12.18 -46.04 6.64
N ILE C 23 -12.11 -45.34 7.77
CA ILE C 23 -11.58 -43.99 7.79
C ILE C 23 -10.05 -43.98 7.53
N ARG C 24 -9.33 -44.92 8.13
CA ARG C 24 -7.88 -45.06 7.87
C ARG C 24 -7.63 -45.49 6.43
N GLU C 25 -8.47 -46.39 5.89
CA GLU C 25 -8.40 -46.74 4.47
C GLU C 25 -8.62 -45.51 3.59
N ALA C 26 -9.59 -44.68 3.96
CA ALA C 26 -9.81 -43.38 3.32
C ALA C 26 -8.55 -42.53 3.35
N GLN C 27 -7.95 -42.37 4.53
CA GLN C 27 -6.77 -41.51 4.64
C GLN C 27 -5.66 -41.99 3.71
N ALA C 28 -5.39 -43.28 3.71
CA ALA C 28 -4.37 -43.85 2.84
C ALA C 28 -4.72 -43.54 1.39
N ARG C 29 -5.98 -43.76 1.04
CA ARG C 29 -6.44 -43.63 -0.35
C ARG C 29 -6.41 -42.18 -0.89
N ILE C 30 -6.77 -41.22 -0.05
CA ILE C 30 -6.86 -39.82 -0.51
C ILE C 30 -5.62 -38.94 -0.21
N ALA C 31 -4.64 -39.48 0.51
CA ALA C 31 -3.46 -38.69 0.94
C ALA C 31 -2.68 -38.05 -0.21
N PRO C 32 -2.57 -38.73 -1.37
CA PRO C 32 -1.90 -38.04 -2.49
C PRO C 32 -2.70 -36.89 -3.11
N TYR C 33 -3.97 -36.73 -2.75
CA TYR C 33 -4.87 -35.88 -3.52
C TYR C 33 -5.49 -34.71 -2.77
N VAL C 34 -5.43 -34.72 -1.44
CA VAL C 34 -6.00 -33.63 -0.63
C VAL C 34 -4.91 -33.03 0.23
N HIS C 35 -5.10 -31.79 0.68
CA HIS C 35 -4.12 -31.13 1.53
C HIS C 35 -4.33 -31.56 2.96
N ARG C 36 -3.25 -31.67 3.72
CA ARG C 36 -3.31 -31.71 5.16
C ARG C 36 -3.42 -30.26 5.58
N THR C 37 -4.62 -29.84 5.97
CA THR C 37 -4.89 -28.45 6.19
C THR C 37 -4.42 -27.97 7.55
N PRO C 38 -4.09 -26.67 7.64
CA PRO C 38 -3.49 -26.15 8.86
C PRO C 38 -4.50 -25.97 9.99
N VAL C 39 -3.97 -25.92 11.19
CA VAL C 39 -4.72 -25.55 12.38
C VAL C 39 -4.23 -24.17 12.77
N MET C 40 -5.15 -23.25 13.00
CA MET C 40 -4.81 -21.89 13.39
C MET C 40 -5.40 -21.58 14.76
N SER C 41 -4.87 -20.58 15.45
CA SER C 41 -5.42 -20.16 16.73
C SER C 41 -5.25 -18.66 16.93
N SER C 42 -5.94 -18.15 17.94
CA SER C 42 -5.94 -16.74 18.27
C SER C 42 -6.13 -16.55 19.78
N THR C 43 -5.16 -15.93 20.42
CA THR C 43 -5.19 -15.67 21.87
C THR C 43 -6.37 -14.76 22.20
N SER C 44 -6.69 -13.86 21.29
CA SER C 44 -7.78 -12.92 21.47
C SER C 44 -9.17 -13.61 21.46
N ILE C 45 -9.35 -14.57 20.56
CA ILE C 45 -10.59 -15.33 20.52
C ILE C 45 -10.65 -16.25 21.72
N ASP C 46 -9.51 -16.86 22.04
CA ASP C 46 -9.39 -17.70 23.23
C ASP C 46 -9.86 -17.00 24.50
N ALA C 47 -9.48 -15.73 24.65
CA ALA C 47 -9.89 -14.93 25.81
C ALA C 47 -11.39 -14.71 25.84
N MET C 48 -11.97 -14.43 24.67
CA MET C 48 -13.43 -14.24 24.57
C MET C 48 -14.17 -15.48 25.05
N VAL C 49 -13.75 -16.64 24.57
CA VAL C 49 -14.43 -17.88 24.92
C VAL C 49 -14.07 -18.32 26.34
N GLY C 50 -12.83 -18.09 26.75
CA GLY C 50 -12.34 -18.56 28.04
C GLY C 50 -11.74 -19.96 27.92
N LYS C 51 -11.47 -20.38 26.68
CA LYS C 51 -10.93 -21.71 26.38
C LYS C 51 -9.93 -21.62 25.25
N LYS C 52 -9.15 -22.67 25.04
CA LYS C 52 -8.23 -22.71 23.94
C LYS C 52 -8.94 -23.25 22.70
N LEU C 53 -8.97 -22.45 21.64
CA LEU C 53 -9.61 -22.85 20.39
C LEU C 53 -8.55 -23.19 19.33
N PHE C 54 -8.84 -24.23 18.55
CA PHE C 54 -7.98 -24.69 17.48
C PHE C 54 -8.82 -24.83 16.20
N PHE C 55 -8.57 -23.97 15.22
CA PHE C 55 -9.39 -23.89 14.02
C PHE C 55 -8.82 -24.77 12.91
N LYS C 56 -9.50 -25.85 12.58
CA LYS C 56 -9.07 -26.75 11.51
C LYS C 56 -9.60 -26.16 10.19
N CYS C 57 -8.68 -25.69 9.36
CA CYS C 57 -9.03 -24.78 8.26
C CYS C 57 -9.26 -25.49 6.95
N GLU C 58 -10.45 -26.09 6.83
CA GLU C 58 -10.82 -26.76 5.58
C GLU C 58 -11.20 -25.77 4.49
N CYS C 59 -11.30 -24.49 4.85
CA CYS C 59 -11.38 -23.42 3.84
C CYS C 59 -10.14 -23.41 2.95
N PHE C 60 -9.01 -23.87 3.48
CA PHE C 60 -7.76 -24.03 2.72
C PHE C 60 -7.60 -25.39 2.03
N GLN C 61 -8.64 -26.22 2.09
CA GLN C 61 -8.61 -27.50 1.38
C GLN C 61 -8.76 -27.24 -0.12
N LYS C 62 -8.34 -28.17 -0.95
CA LYS C 62 -8.61 -28.04 -2.38
C LYS C 62 -10.10 -27.79 -2.63
N ALA C 63 -10.38 -26.91 -3.59
CA ALA C 63 -11.74 -26.49 -3.95
C ALA C 63 -12.49 -25.69 -2.89
N GLY C 64 -11.80 -25.27 -1.84
CA GLY C 64 -12.33 -24.30 -0.88
C GLY C 64 -13.18 -24.85 0.24
N ALA C 65 -13.22 -26.17 0.38
CA ALA C 65 -13.97 -26.83 1.45
C ALA C 65 -13.49 -28.26 1.68
N PHE C 66 -14.04 -28.90 2.72
CA PHE C 66 -13.61 -30.27 3.10
C PHE C 66 -14.09 -31.36 2.13
N LYS C 67 -15.06 -31.06 1.28
CA LYS C 67 -15.80 -32.11 0.57
C LYS C 67 -15.00 -32.95 -0.40
N ILE C 68 -13.89 -32.41 -0.90
CA ILE C 68 -12.99 -33.18 -1.75
C ILE C 68 -12.54 -34.49 -1.07
N ARG C 69 -12.50 -34.50 0.26
CA ARG C 69 -12.09 -35.70 1.00
C ARG C 69 -13.06 -36.88 0.74
N GLY C 70 -14.34 -36.66 1.06
CA GLY C 70 -15.38 -37.63 0.79
C GLY C 70 -15.55 -37.93 -0.68
N ALA C 71 -15.49 -36.91 -1.52
CA ALA C 71 -15.65 -37.13 -2.96
C ALA C 71 -14.48 -37.92 -3.52
N SER C 72 -13.26 -37.59 -3.09
CA SER C 72 -12.06 -38.32 -3.51
C SER C 72 -12.13 -39.77 -3.05
N ASN C 73 -12.50 -39.99 -1.79
CA ASN C 73 -12.58 -41.35 -1.29
C ASN C 73 -13.62 -42.15 -2.07
N SER C 74 -14.79 -41.56 -2.33
CA SER C 74 -15.85 -42.24 -3.07
C SER C 74 -15.38 -42.68 -4.45
N ILE C 75 -14.70 -41.77 -5.15
CA ILE C 75 -14.30 -42.00 -6.53
C ILE C 75 -13.10 -42.93 -6.67
N PHE C 76 -12.07 -42.72 -5.85
CA PHE C 76 -10.86 -43.55 -5.92
C PHE C 76 -11.11 -44.94 -5.36
N ALA C 77 -12.16 -45.10 -4.56
CA ALA C 77 -12.54 -46.42 -4.04
C ALA C 77 -13.22 -47.31 -5.10
N LEU C 78 -13.67 -46.71 -6.20
CA LEU C 78 -14.36 -47.47 -7.25
C LEU C 78 -13.34 -48.27 -8.01
N ASP C 79 -13.70 -49.49 -8.38
CA ASP C 79 -12.83 -50.31 -9.19
C ASP C 79 -12.79 -49.78 -10.63
N ASP C 80 -11.82 -50.30 -11.36
CA ASP C 80 -11.63 -50.05 -12.80
C ASP C 80 -12.81 -50.12 -13.72
N GLU C 81 -13.68 -51.10 -13.47
CA GLU C 81 -14.86 -51.33 -14.28
C GLU C 81 -15.86 -50.20 -14.05
N GLN C 82 -16.18 -49.99 -12.78
CA GLN C 82 -17.18 -49.01 -12.35
C GLN C 82 -16.84 -47.57 -12.75
N VAL C 83 -15.63 -47.14 -12.36
CA VAL C 83 -15.24 -45.75 -12.52
C VAL C 83 -15.16 -45.35 -13.99
N SER C 84 -15.00 -46.34 -14.87
CA SER C 84 -14.85 -46.09 -16.30
C SER C 84 -16.08 -45.50 -16.95
N LYS C 85 -17.22 -45.55 -16.27
CA LYS C 85 -18.43 -44.94 -16.81
C LYS C 85 -18.55 -43.47 -16.39
N GLY C 86 -17.63 -42.99 -15.57
CA GLY C 86 -17.70 -41.62 -15.09
C GLY C 86 -18.53 -41.53 -13.82
N VAL C 87 -18.69 -40.32 -13.32
CA VAL C 87 -19.46 -40.10 -12.11
C VAL C 87 -20.42 -38.97 -12.39
N VAL C 88 -21.42 -38.86 -11.52
CA VAL C 88 -22.46 -37.89 -11.68
C VAL C 88 -22.96 -37.48 -10.30
N THR C 89 -23.44 -36.25 -10.23
CA THR C 89 -24.06 -35.76 -9.02
C THR C 89 -24.90 -34.57 -9.44
N HIS C 90 -25.91 -34.24 -8.64
CA HIS C 90 -26.59 -32.96 -8.77
C HIS C 90 -26.31 -32.18 -7.49
N SER C 91 -25.94 -30.92 -7.64
CA SER C 91 -25.61 -30.06 -6.50
C SER C 91 -25.58 -28.59 -6.91
N SER C 92 -25.97 -27.73 -5.98
CA SER C 92 -25.93 -26.30 -6.17
C SER C 92 -24.77 -25.65 -5.40
N GLY C 93 -24.02 -26.46 -4.64
CA GLY C 93 -23.04 -25.96 -3.65
C GLY C 93 -21.62 -26.54 -3.80
N ASN C 94 -20.95 -26.75 -2.67
CA ASN C 94 -19.53 -27.12 -2.69
C ASN C 94 -19.26 -28.54 -3.21
N HIS C 95 -20.25 -29.42 -3.09
CA HIS C 95 -20.12 -30.82 -3.52
C HIS C 95 -19.81 -30.90 -5.00
N ALA C 96 -20.39 -29.98 -5.77
CA ALA C 96 -20.23 -30.00 -7.22
C ALA C 96 -18.77 -29.89 -7.61
N ALA C 97 -18.10 -28.89 -7.04
CA ALA C 97 -16.70 -28.65 -7.37
C ALA C 97 -15.85 -29.79 -6.85
N ALA C 98 -16.17 -30.30 -5.67
CA ALA C 98 -15.42 -31.41 -5.08
C ALA C 98 -15.47 -32.65 -5.97
N VAL C 99 -16.64 -32.98 -6.49
CA VAL C 99 -16.77 -34.13 -7.39
C VAL C 99 -16.00 -33.89 -8.67
N ALA C 100 -16.09 -32.68 -9.22
CA ALA C 100 -15.39 -32.36 -10.46
C ALA C 100 -13.89 -32.51 -10.34
N LEU C 101 -13.32 -32.03 -9.24
CA LEU C 101 -11.88 -32.10 -8.99
C LEU C 101 -11.44 -33.55 -8.74
N ALA C 102 -12.20 -34.25 -7.91
CA ALA C 102 -11.85 -35.64 -7.61
C ALA C 102 -11.82 -36.47 -8.88
N ALA C 103 -12.80 -36.24 -9.76
CA ALA C 103 -12.85 -36.96 -11.03
C ALA C 103 -11.70 -36.57 -11.97
N LYS C 104 -11.37 -35.29 -12.00
CA LYS C 104 -10.20 -34.80 -12.75
C LYS C 104 -8.93 -35.53 -12.26
N LEU C 105 -8.73 -35.59 -10.96
CA LEU C 105 -7.57 -36.28 -10.41
C LEU C 105 -7.54 -37.77 -10.74
N ARG C 106 -8.71 -38.41 -10.75
CA ARG C 106 -8.80 -39.82 -11.14
C ARG C 106 -8.62 -40.04 -12.64
N GLY C 107 -8.99 -39.05 -13.45
CA GLY C 107 -8.86 -39.16 -14.92
C GLY C 107 -10.13 -39.64 -15.60
N ILE C 108 -11.29 -39.30 -15.01
CA ILE C 108 -12.57 -39.76 -15.52
C ILE C 108 -13.56 -38.60 -15.63
N PRO C 109 -14.56 -38.73 -16.50
CA PRO C 109 -15.50 -37.61 -16.62
C PRO C 109 -16.40 -37.44 -15.39
N ALA C 110 -16.75 -36.20 -15.09
CA ALA C 110 -17.72 -35.91 -14.05
C ALA C 110 -18.89 -35.13 -14.67
N HIS C 111 -20.07 -35.72 -14.59
CA HIS C 111 -21.30 -35.12 -15.10
C HIS C 111 -21.95 -34.45 -13.94
N ILE C 112 -21.97 -33.12 -13.96
CA ILE C 112 -22.46 -32.35 -12.83
C ILE C 112 -23.73 -31.59 -13.17
N VAL C 113 -24.83 -32.03 -12.60
CA VAL C 113 -26.13 -31.43 -12.85
C VAL C 113 -26.31 -30.24 -11.92
N ILE C 114 -26.37 -29.05 -12.51
CA ILE C 114 -26.55 -27.79 -11.81
C ILE C 114 -27.77 -27.06 -12.37
N PRO C 115 -28.59 -26.40 -11.54
CA PRO C 115 -28.67 -26.33 -10.10
C PRO C 115 -29.80 -27.22 -9.60
N ALA C 118 -28.17 -21.90 -9.59
CA ALA C 118 -27.02 -21.98 -8.71
C ALA C 118 -26.23 -20.68 -8.79
N PRO C 119 -25.59 -20.26 -7.67
CA PRO C 119 -24.84 -18.99 -7.67
C PRO C 119 -23.73 -18.95 -8.72
N SER C 121 -20.81 -18.32 -8.87
CA SER C 121 -19.48 -18.53 -8.28
C SER C 121 -19.19 -20.00 -8.12
N LYS C 122 -20.12 -20.71 -7.48
CA LYS C 122 -20.00 -22.16 -7.30
C LYS C 122 -19.98 -22.90 -8.64
N VAL C 123 -20.58 -22.32 -9.68
CA VAL C 123 -20.45 -22.83 -11.03
C VAL C 123 -19.02 -22.65 -11.56
N GLU C 124 -18.43 -21.47 -11.34
CA GLU C 124 -17.09 -21.17 -11.86
C GLU C 124 -16.07 -22.19 -11.35
N ASN C 125 -16.26 -22.60 -10.11
CA ASN C 125 -15.39 -23.60 -9.46
C ASN C 125 -15.45 -24.99 -10.18
N VAL C 126 -16.61 -25.34 -10.72
CA VAL C 126 -16.75 -26.58 -11.49
C VAL C 126 -16.03 -26.51 -12.85
N LYS C 127 -16.17 -25.37 -13.54
CA LYS C 127 -15.51 -25.18 -14.84
C LYS C 127 -14.01 -25.18 -14.67
N CYS C 128 -13.55 -24.59 -13.58
CA CYS C 128 -12.14 -24.59 -13.19
C CYS C 128 -11.55 -26.01 -13.19
N TYR C 129 -12.36 -27.00 -12.80
CA TYR C 129 -11.90 -28.39 -12.76
C TYR C 129 -12.36 -29.26 -13.92
N GLY C 130 -12.89 -28.63 -14.98
CA GLY C 130 -13.24 -29.34 -16.20
C GLY C 130 -14.47 -30.23 -16.04
N GLY C 131 -15.29 -29.94 -15.03
CA GLY C 131 -16.55 -30.66 -14.86
C GLY C 131 -17.43 -30.46 -16.07
N HIS C 132 -18.06 -31.53 -16.55
CA HIS C 132 -19.06 -31.45 -17.60
C HIS C 132 -20.40 -31.07 -16.98
N ILE C 133 -20.82 -29.82 -17.22
CA ILE C 133 -22.02 -29.30 -16.61
C ILE C 133 -23.21 -29.58 -17.49
N ILE C 134 -24.23 -30.13 -16.84
CA ILE C 134 -25.48 -30.46 -17.47
C ILE C 134 -26.53 -29.65 -16.70
N TRP C 135 -27.13 -28.66 -17.34
CA TRP C 135 -28.02 -27.73 -16.63
C TRP C 135 -29.40 -28.33 -16.31
N SER C 136 -29.89 -27.94 -15.14
CA SER C 136 -31.18 -28.32 -14.63
C SER C 136 -32.08 -27.09 -14.64
N ASP C 137 -33.36 -27.28 -14.38
CA ASP C 137 -34.24 -26.17 -13.97
C ASP C 137 -34.03 -25.93 -12.48
N GLU C 141 -36.75 -31.99 -8.30
CA GLU C 141 -37.65 -32.50 -9.33
C GLU C 141 -36.91 -32.64 -10.66
N SER C 142 -36.63 -31.50 -11.28
CA SER C 142 -35.90 -31.41 -12.54
C SER C 142 -34.42 -31.83 -12.35
N ARG C 143 -33.85 -31.51 -11.19
CA ARG C 143 -32.51 -31.97 -10.82
C ARG C 143 -32.45 -33.47 -10.85
N GLU C 144 -33.39 -34.09 -10.16
CA GLU C 144 -33.43 -35.55 -10.09
C GLU C 144 -33.71 -36.17 -11.45
N TYR C 145 -34.55 -35.53 -12.26
CA TYR C 145 -34.89 -36.09 -13.58
C TYR C 145 -33.65 -36.07 -14.50
N VAL C 146 -32.97 -34.92 -14.56
CA VAL C 146 -31.74 -34.76 -15.34
C VAL C 146 -30.67 -35.75 -14.82
N SER C 147 -30.40 -35.73 -13.51
CA SER C 147 -29.46 -36.70 -12.91
C SER C 147 -29.88 -38.13 -13.23
N LYS C 148 -31.19 -38.40 -13.17
CA LYS C 148 -31.70 -39.73 -13.51
C LYS C 148 -31.44 -40.10 -14.97
N ARG C 149 -31.72 -39.19 -15.89
CA ARG C 149 -31.52 -39.49 -17.32
C ARG C 149 -30.03 -39.77 -17.61
N VAL C 150 -29.17 -38.96 -17.04
CA VAL C 150 -27.73 -39.08 -17.24
C VAL C 150 -27.25 -40.43 -16.74
N GLN C 151 -27.71 -40.81 -15.55
CA GLN C 151 -27.41 -42.13 -15.02
C GLN C 151 -27.89 -43.30 -15.87
N GLU C 152 -29.15 -43.26 -16.29
CA GLU C 152 -29.73 -44.33 -17.12
C GLU C 152 -28.93 -44.53 -18.42
N GLU C 153 -28.55 -43.42 -19.06
CA GLU C 153 -27.90 -43.50 -20.37
C GLU C 153 -26.43 -43.83 -20.28
N THR C 154 -25.71 -43.25 -19.33
CA THR C 154 -24.24 -43.38 -19.24
C THR C 154 -23.77 -44.48 -18.29
N GLY C 155 -24.59 -44.79 -17.30
CA GLY C 155 -24.18 -45.70 -16.25
C GLY C 155 -23.25 -45.07 -15.22
N ALA C 156 -23.05 -43.74 -15.30
CA ALA C 156 -22.17 -43.02 -14.36
C ALA C 156 -22.59 -43.25 -12.91
N VAL C 157 -21.62 -43.41 -12.02
CA VAL C 157 -21.93 -43.69 -10.62
C VAL C 157 -22.23 -42.39 -9.86
N LEU C 158 -23.32 -42.42 -9.10
CA LEU C 158 -23.77 -41.30 -8.29
C LEU C 158 -22.84 -41.11 -7.09
N ILE C 159 -22.42 -39.88 -6.83
CA ILE C 159 -21.54 -39.59 -5.68
C ILE C 159 -22.38 -38.74 -4.73
N HIS C 160 -22.49 -39.19 -3.48
N HIS C 160 -22.60 -39.22 -3.49
CA HIS C 160 -23.39 -38.58 -2.50
CA HIS C 160 -23.52 -38.55 -2.57
C HIS C 160 -22.75 -37.48 -1.68
C HIS C 160 -22.82 -37.52 -1.70
N PRO C 161 -23.44 -36.34 -1.52
CA PRO C 161 -22.82 -35.28 -0.72
C PRO C 161 -22.60 -35.56 0.78
N ILE C 162 -23.41 -36.45 1.35
CA ILE C 162 -23.48 -36.71 2.83
C ILE C 162 -23.61 -38.24 3.15
N ASN C 163 -24.56 -38.90 2.50
CA ASN C 163 -25.15 -40.14 2.98
C ASN C 163 -24.60 -41.37 2.28
N SER C 164 -23.32 -41.66 2.53
CA SER C 164 -22.71 -42.92 2.12
C SER C 164 -21.49 -43.23 2.95
N LYS C 165 -21.13 -44.51 2.95
CA LYS C 165 -19.96 -45.01 3.65
C LYS C 165 -18.70 -44.30 3.20
N TYR C 166 -18.52 -44.18 1.89
CA TYR C 166 -17.30 -43.63 1.35
C TYR C 166 -17.14 -42.15 1.63
N THR C 167 -18.22 -41.36 1.59
CA THR C 167 -18.04 -39.92 1.84
C THR C 167 -17.91 -39.66 3.35
N ILE C 168 -18.70 -40.38 4.16
CA ILE C 168 -18.53 -40.32 5.61
C ILE C 168 -17.09 -40.64 5.99
N SER C 169 -16.56 -41.70 5.36
CA SER C 169 -15.20 -42.15 5.64
C SER C 169 -14.14 -41.12 5.25
N GLY C 170 -14.28 -40.54 4.07
CA GLY C 170 -13.39 -39.47 3.64
C GLY C 170 -13.43 -38.30 4.60
N GLN C 171 -14.63 -37.93 5.04
CA GLN C 171 -14.82 -36.79 5.93
C GLN C 171 -14.15 -36.97 7.29
N GLY C 172 -14.09 -38.20 7.77
CA GLY C 172 -13.47 -38.53 9.06
C GLY C 172 -11.97 -38.33 9.09
N THR C 173 -11.35 -38.21 7.93
CA THR C 173 -9.92 -37.93 7.89
C THR C 173 -9.59 -36.56 8.49
N VAL C 174 -10.58 -35.68 8.54
CA VAL C 174 -10.45 -34.38 9.20
C VAL C 174 -10.04 -34.59 10.67
N SER C 175 -10.67 -35.57 11.31
CA SER C 175 -10.38 -35.90 12.70
C SER C 175 -9.04 -36.59 12.87
N LEU C 176 -8.63 -37.40 11.92
CA LEU C 176 -7.34 -38.06 12.05
C LEU C 176 -6.23 -37.01 12.06
N GLU C 177 -6.33 -36.05 11.14
CA GLU C 177 -5.34 -34.98 11.08
C GLU C 177 -5.39 -34.12 12.33
N LEU C 178 -6.58 -33.66 12.67
CA LEU C 178 -6.76 -32.73 13.80
C LEU C 178 -6.14 -33.26 15.09
N LEU C 179 -6.39 -34.53 15.37
CA LEU C 179 -5.89 -35.15 16.60
C LEU C 179 -4.41 -35.52 16.55
N GLU C 180 -3.84 -35.63 15.35
CA GLU C 180 -2.38 -35.68 15.23
C GLU C 180 -1.81 -34.28 15.51
N GLN C 181 -2.45 -33.26 14.95
CA GLN C 181 -1.96 -31.89 15.06
C GLN C 181 -2.12 -31.31 16.47
N VAL C 182 -3.22 -31.64 17.16
CA VAL C 182 -3.48 -31.13 18.52
C VAL C 182 -3.99 -32.29 19.39
N PRO C 183 -3.07 -33.14 19.89
CA PRO C 183 -3.48 -34.41 20.50
C PRO C 183 -4.32 -34.30 21.79
N GLU C 184 -4.25 -33.19 22.50
CA GLU C 184 -5.04 -33.01 23.73
C GLU C 184 -6.44 -32.43 23.49
N ILE C 185 -6.90 -32.36 22.23
CA ILE C 185 -8.24 -31.84 21.97
C ILE C 185 -9.25 -32.68 22.75
N ASP C 186 -10.14 -32.01 23.49
CA ASP C 186 -11.15 -32.73 24.29
C ASP C 186 -12.59 -32.52 23.78
N THR C 187 -12.82 -31.47 23.01
CA THR C 187 -14.12 -31.27 22.36
C THR C 187 -13.97 -30.68 20.96
N ILE C 188 -14.85 -31.12 20.05
CA ILE C 188 -14.86 -30.68 18.66
C ILE C 188 -16.26 -30.18 18.29
N ILE C 189 -16.29 -28.97 17.77
CA ILE C 189 -17.50 -28.34 17.27
C ILE C 189 -17.51 -28.39 15.75
N VAL C 190 -18.61 -28.88 15.17
CA VAL C 190 -18.70 -29.20 13.74
C VAL C 190 -19.99 -28.66 13.14
N PRO C 191 -19.90 -27.91 12.02
CA PRO C 191 -21.10 -27.48 11.34
C PRO C 191 -21.89 -28.69 10.84
N ILE C 192 -23.21 -28.58 10.81
CA ILE C 192 -24.05 -29.72 10.42
C ILE C 192 -25.13 -29.36 9.41
N SER C 193 -25.24 -30.17 8.39
CA SER C 193 -26.28 -29.99 7.38
C SER C 193 -26.90 -31.35 7.08
N GLY C 194 -26.21 -32.17 6.27
CA GLY C 194 -26.61 -33.56 6.04
C GLY C 194 -26.04 -34.51 7.08
N GLY C 195 -24.99 -34.06 7.76
CA GLY C 195 -24.32 -34.84 8.81
C GLY C 195 -23.18 -35.75 8.37
N GLY C 196 -22.72 -35.64 7.13
CA GLY C 196 -21.58 -36.42 6.68
C GLY C 196 -20.30 -36.03 7.40
N LEU C 197 -20.05 -34.74 7.47
CA LEU C 197 -18.84 -34.23 8.09
C LEU C 197 -18.80 -34.61 9.55
N ILE C 198 -19.85 -34.26 10.30
CA ILE C 198 -19.87 -34.57 11.73
C ILE C 198 -19.85 -36.08 12.00
N SER C 199 -20.41 -36.89 11.11
CA SER C 199 -20.43 -38.35 11.29
C SER C 199 -19.04 -38.92 11.18
N GLY C 200 -18.31 -38.49 10.14
CA GLY C 200 -16.93 -38.93 9.96
C GLY C 200 -16.06 -38.45 11.11
N VAL C 201 -16.20 -37.18 11.45
CA VAL C 201 -15.43 -36.56 12.54
C VAL C 201 -15.66 -37.29 13.87
N ALA C 202 -16.93 -37.52 14.23
CA ALA C 202 -17.26 -38.19 15.50
C ALA C 202 -16.76 -39.63 15.53
N LEU C 203 -16.96 -40.37 14.45
CA LEU C 203 -16.55 -41.78 14.39
C LEU C 203 -15.04 -41.97 14.54
N ALA C 204 -14.27 -41.14 13.85
CA ALA C 204 -12.82 -41.22 13.95
C ALA C 204 -12.38 -40.79 15.35
N ALA C 205 -12.92 -39.69 15.84
CA ALA C 205 -12.53 -39.13 17.13
C ALA C 205 -12.89 -40.03 18.31
N LYS C 206 -14.10 -40.59 18.30
CA LYS C 206 -14.53 -41.49 19.38
C LYS C 206 -13.68 -42.75 19.43
N ALA C 207 -13.24 -43.20 18.27
CA ALA C 207 -12.38 -44.38 18.19
C ALA C 207 -10.98 -44.10 18.76
N ILE C 208 -10.43 -42.92 18.49
CA ILE C 208 -9.10 -42.53 19.02
C ILE C 208 -9.16 -42.18 20.50
N ASN C 209 -10.23 -41.52 20.91
CA ASN C 209 -10.46 -41.19 22.31
C ASN C 209 -11.95 -41.07 22.62
N PRO C 210 -12.53 -42.10 23.25
CA PRO C 210 -13.95 -42.12 23.58
C PRO C 210 -14.44 -40.96 24.45
N SER C 211 -13.55 -40.31 25.21
CA SER C 211 -13.97 -39.19 26.06
C SER C 211 -14.11 -37.85 25.34
N ILE C 212 -13.62 -37.74 24.09
CA ILE C 212 -13.81 -36.50 23.33
C ILE C 212 -15.31 -36.23 23.14
N ARG C 213 -15.74 -35.00 23.38
CA ARG C 213 -17.11 -34.58 23.14
C ARG C 213 -17.23 -33.96 21.74
N ILE C 214 -18.21 -34.41 20.97
CA ILE C 214 -18.50 -33.85 19.67
C ILE C 214 -19.81 -33.08 19.75
N LEU C 215 -19.76 -31.82 19.29
CA LEU C 215 -20.91 -30.93 19.32
C LEU C 215 -21.19 -30.41 17.91
N ALA C 216 -22.46 -30.31 17.55
CA ALA C 216 -22.84 -29.81 16.23
C ALA C 216 -23.19 -28.36 16.35
N ALA C 217 -22.99 -27.62 15.27
CA ALA C 217 -23.36 -26.21 15.22
C ALA C 217 -24.35 -26.07 14.07
N GLU C 218 -25.51 -25.52 14.37
CA GLU C 218 -26.62 -25.48 13.41
C GLU C 218 -27.36 -24.15 13.47
N PRO C 219 -27.78 -23.61 12.31
CA PRO C 219 -28.56 -22.37 12.32
C PRO C 219 -29.99 -22.54 12.80
N LYS C 220 -30.52 -21.48 13.41
CA LYS C 220 -31.90 -21.43 13.92
C LYS C 220 -32.93 -21.74 12.82
N GLY C 221 -32.76 -21.15 11.65
CA GLY C 221 -33.67 -21.35 10.52
C GLY C 221 -33.46 -22.61 9.68
N ALA C 222 -32.60 -23.50 10.15
CA ALA C 222 -32.46 -24.83 9.57
C ALA C 222 -32.07 -25.82 10.67
N ASP C 223 -32.84 -25.79 11.75
CA ASP C 223 -32.50 -26.48 13.02
C ASP C 223 -33.08 -27.88 13.17
N ASP C 224 -33.20 -28.59 12.04
CA ASP C 224 -33.75 -29.94 12.02
C ASP C 224 -32.94 -30.93 12.82
N SER C 225 -31.61 -30.77 12.84
CA SER C 225 -30.75 -31.74 13.53
C SER C 225 -30.95 -31.64 15.04
N ALA C 226 -31.15 -30.42 15.53
CA ALA C 226 -31.40 -30.21 16.96
C ALA C 226 -32.77 -30.78 17.34
N GLN C 227 -33.78 -30.45 16.54
CA GLN C 227 -35.13 -31.03 16.70
C GLN C 227 -35.07 -32.55 16.63
N SER C 228 -34.34 -33.08 15.65
CA SER C 228 -34.20 -34.53 15.50
C SER C 228 -33.68 -35.18 16.78
N LYS C 229 -32.58 -34.65 17.31
CA LYS C 229 -31.98 -35.18 18.54
C LYS C 229 -32.93 -35.13 19.74
N ALA C 230 -33.62 -34.00 19.90
CA ALA C 230 -34.62 -33.82 20.96
C ALA C 230 -35.82 -34.75 20.80
N ALA C 231 -36.21 -35.03 19.55
CA ALA C 231 -37.40 -35.85 19.27
C ALA C 231 -37.10 -37.34 19.16
N GLY C 232 -35.82 -37.72 19.11
CA GLY C 232 -35.44 -39.12 18.92
C GLY C 232 -35.70 -39.69 17.54
N LYS C 233 -35.92 -38.82 16.56
CA LYS C 233 -36.28 -39.25 15.20
C LYS C 233 -35.88 -38.19 14.16
N ILE C 234 -35.60 -38.62 12.93
CA ILE C 234 -35.25 -37.68 11.87
C ILE C 234 -36.40 -36.72 11.59
N ILE C 235 -36.21 -35.45 11.93
CA ILE C 235 -37.17 -34.41 11.57
C ILE C 235 -36.75 -33.77 10.25
N THR C 236 -37.74 -33.49 9.41
CA THR C 236 -37.54 -32.66 8.22
C THR C 236 -38.40 -31.41 8.37
N LEU C 237 -38.05 -30.39 7.62
CA LEU C 237 -38.71 -29.10 7.70
C LEU C 237 -39.32 -28.77 6.34
N PRO C 238 -40.47 -28.09 6.33
CA PRO C 238 -41.09 -27.73 5.04
C PRO C 238 -40.25 -26.70 4.29
N SER C 239 -39.57 -25.83 5.02
CA SER C 239 -38.63 -24.88 4.43
C SER C 239 -37.49 -24.61 5.40
N THR C 240 -36.48 -23.89 4.92
CA THR C 240 -35.41 -23.45 5.79
C THR C 240 -35.22 -21.97 5.53
N ASN C 241 -34.60 -21.30 6.49
CA ASN C 241 -34.47 -19.86 6.46
C ASN C 241 -33.12 -19.40 7.00
N THR C 242 -32.04 -19.61 6.24
CA THR C 242 -30.70 -19.25 6.70
C THR C 242 -29.78 -18.80 5.56
N ILE C 243 -28.95 -17.80 5.85
CA ILE C 243 -27.93 -17.35 4.91
C ILE C 243 -26.75 -18.36 4.80
N ALA C 244 -26.67 -19.29 5.73
CA ALA C 244 -25.67 -20.35 5.70
C ALA C 244 -26.06 -21.38 4.63
N ASP C 245 -25.82 -20.99 3.39
CA ASP C 245 -26.31 -21.71 2.21
C ASP C 245 -25.90 -23.18 2.14
N GLY C 246 -24.80 -23.52 2.80
CA GLY C 246 -24.34 -24.91 2.83
C GLY C 246 -25.01 -25.74 3.90
N LEU C 247 -25.89 -25.14 4.70
CA LEU C 247 -26.40 -25.83 5.89
C LEU C 247 -27.92 -26.07 5.86
N ARG C 248 -28.50 -26.28 4.68
CA ARG C 248 -29.97 -26.33 4.54
C ARG C 248 -30.53 -27.74 4.30
N ALA C 249 -29.67 -28.76 4.34
CA ALA C 249 -30.09 -30.15 4.15
C ALA C 249 -30.63 -30.78 5.44
N PHE C 250 -31.22 -31.98 5.29
CA PHE C 250 -31.76 -32.74 6.41
C PHE C 250 -30.92 -33.99 6.56
N LEU C 251 -30.98 -34.61 7.72
CA LEU C 251 -30.12 -35.75 8.00
C LEU C 251 -30.51 -36.92 7.12
N GLY C 252 -29.51 -37.70 6.74
CA GLY C 252 -29.75 -38.92 6.00
C GLY C 252 -29.80 -40.11 6.93
N ASP C 253 -30.20 -41.25 6.39
CA ASP C 253 -30.41 -42.45 7.23
C ASP C 253 -29.11 -43.13 7.67
N LEU C 254 -28.00 -42.86 7.00
CA LEU C 254 -26.68 -43.26 7.51
C LEU C 254 -26.01 -42.27 8.48
N THR C 255 -26.39 -41.00 8.47
CA THR C 255 -25.75 -40.02 9.35
C THR C 255 -26.47 -39.83 10.68
N TRP C 256 -27.80 -39.88 10.64
CA TRP C 256 -28.62 -39.68 11.86
C TRP C 256 -28.21 -40.58 13.02
N PRO C 257 -27.96 -41.88 12.77
CA PRO C 257 -27.51 -42.74 13.88
C PRO C 257 -26.24 -42.24 14.58
N VAL C 258 -25.31 -41.67 13.81
CA VAL C 258 -24.09 -41.10 14.41
C VAL C 258 -24.43 -39.85 15.21
N VAL C 259 -25.25 -38.99 14.63
CA VAL C 259 -25.71 -37.78 15.30
C VAL C 259 -26.44 -38.13 16.62
N ARG C 260 -27.25 -39.18 16.55
CA ARG C 260 -28.07 -39.63 17.68
C ARG C 260 -27.20 -40.18 18.81
N ASP C 261 -26.22 -41.02 18.47
CA ASP C 261 -25.47 -41.77 19.48
C ASP C 261 -24.12 -41.15 19.89
N LEU C 262 -23.43 -40.46 18.97
CA LEU C 262 -22.04 -40.05 19.23
C LEU C 262 -21.81 -38.55 19.32
N VAL C 263 -22.85 -37.76 19.03
CA VAL C 263 -22.79 -36.31 19.14
C VAL C 263 -23.56 -35.95 20.40
N ASP C 264 -22.93 -35.22 21.31
CA ASP C 264 -23.54 -34.95 22.61
C ASP C 264 -24.70 -34.00 22.51
N ASP C 265 -24.58 -33.01 21.63
CA ASP C 265 -25.52 -31.91 21.60
C ASP C 265 -25.41 -31.13 20.28
N VAL C 266 -26.49 -30.42 19.96
CA VAL C 266 -26.49 -29.50 18.83
C VAL C 266 -26.65 -28.09 19.35
N ILE C 267 -25.66 -27.25 19.09
CA ILE C 267 -25.73 -25.85 19.49
C ILE C 267 -26.34 -25.07 18.35
N VAL C 268 -27.45 -24.41 18.62
CA VAL C 268 -28.20 -23.69 17.61
C VAL C 268 -27.93 -22.20 17.75
N VAL C 269 -27.58 -21.55 16.65
CA VAL C 269 -27.32 -20.12 16.66
C VAL C 269 -28.02 -19.45 15.50
N ASP C 270 -28.36 -18.18 15.67
CA ASP C 270 -29.04 -17.47 14.59
C ASP C 270 -28.04 -16.94 13.56
N ASP C 271 -28.56 -16.43 12.44
CA ASP C 271 -27.68 -15.96 11.37
C ASP C 271 -26.84 -14.74 11.79
N THR C 272 -27.35 -13.90 12.69
CA THR C 272 -26.57 -12.73 13.10
C THR C 272 -25.31 -13.15 13.80
N ALA C 273 -25.42 -14.19 14.62
CA ALA C 273 -24.28 -14.73 15.31
C ALA C 273 -23.29 -15.35 14.30
N ILE C 274 -23.82 -15.94 13.22
CA ILE C 274 -22.99 -16.48 12.14
C ILE C 274 -22.19 -15.38 11.44
N VAL C 275 -22.86 -14.30 11.08
CA VAL C 275 -22.19 -13.14 10.51
C VAL C 275 -21.18 -12.55 11.51
N ASP C 276 -21.57 -12.34 12.77
CA ASP C 276 -20.62 -11.90 13.79
C ASP C 276 -19.37 -12.79 13.81
N ALA C 277 -19.57 -14.10 13.72
CA ALA C 277 -18.44 -15.02 13.74
C ALA C 277 -17.60 -14.95 12.45
N MET C 278 -18.27 -14.74 11.31
CA MET C 278 -17.60 -14.60 10.04
C MET C 278 -16.67 -13.38 10.05
N LYS C 279 -17.22 -12.27 10.54
CA LYS C 279 -16.48 -11.04 10.75
C LYS C 279 -15.20 -11.26 11.57
N MET C 280 -15.30 -12.00 12.66
CA MET C 280 -14.14 -12.32 13.48
C MET C 280 -13.11 -13.14 12.71
N CYS C 281 -13.57 -14.11 11.91
CA CYS C 281 -12.65 -14.94 11.09
C CYS C 281 -11.85 -14.08 10.13
N TYR C 282 -12.53 -13.14 9.48
CA TYR C 282 -11.86 -12.22 8.54
C TYR C 282 -10.91 -11.26 9.27
N GLU C 283 -11.41 -10.64 10.33
CA GLU C 283 -10.70 -9.54 10.98
C GLU C 283 -9.61 -9.99 11.95
N ILE C 284 -9.82 -11.11 12.65
CA ILE C 284 -8.89 -11.59 13.66
C ILE C 284 -8.00 -12.70 13.10
N LEU C 285 -8.60 -13.73 12.50
CA LEU C 285 -7.81 -14.84 11.93
C LEU C 285 -7.25 -14.53 10.54
N LYS C 286 -7.86 -13.58 9.85
CA LYS C 286 -7.48 -13.20 8.48
C LYS C 286 -7.81 -14.33 7.48
N VAL C 287 -8.86 -15.07 7.79
CA VAL C 287 -9.31 -16.20 6.96
C VAL C 287 -10.64 -15.85 6.31
N ALA C 288 -10.69 -15.88 4.98
CA ALA C 288 -11.88 -15.52 4.21
C ALA C 288 -12.85 -16.69 4.07
N VAL C 289 -13.54 -16.97 5.17
CA VAL C 289 -14.50 -18.08 5.26
C VAL C 289 -15.84 -17.73 4.61
N GLU C 290 -16.63 -18.77 4.35
CA GLU C 290 -18.03 -18.58 3.96
C GLU C 290 -18.86 -18.71 5.23
N PRO C 291 -20.08 -18.16 5.24
CA PRO C 291 -20.91 -18.19 6.45
C PRO C 291 -21.05 -19.59 7.06
N SER C 292 -21.19 -20.61 6.21
CA SER C 292 -21.39 -21.97 6.70
C SER C 292 -20.15 -22.45 7.44
N GLY C 293 -18.98 -21.94 7.05
CA GLY C 293 -17.73 -22.31 7.69
C GLY C 293 -17.42 -21.55 8.98
N ALA C 294 -18.22 -20.52 9.30
CA ALA C 294 -17.99 -19.75 10.51
C ALA C 294 -18.86 -20.20 11.69
N ILE C 295 -19.83 -21.08 11.42
CA ILE C 295 -20.86 -21.39 12.41
C ILE C 295 -20.29 -22.09 13.65
N GLY C 296 -19.22 -22.86 13.48
CA GLY C 296 -18.58 -23.50 14.63
C GLY C 296 -18.08 -22.50 15.65
N LEU C 297 -17.62 -21.35 15.16
CA LEU C 297 -17.14 -20.28 16.04
C LEU C 297 -18.30 -19.60 16.74
N ALA C 298 -19.38 -19.31 16.01
CA ALA C 298 -20.61 -18.78 16.60
C ALA C 298 -21.10 -19.67 17.75
N ALA C 299 -21.05 -20.97 17.52
CA ALA C 299 -21.43 -21.93 18.56
C ALA C 299 -20.54 -21.82 19.78
N ALA C 300 -19.24 -21.65 19.55
CA ALA C 300 -18.27 -21.56 20.66
C ALA C 300 -18.42 -20.25 21.45
N LEU C 301 -18.85 -19.21 20.76
CA LEU C 301 -19.07 -17.90 21.39
C LEU C 301 -20.43 -17.78 22.07
N SER C 302 -21.35 -18.71 21.81
CA SER C 302 -22.76 -18.55 22.20
C SER C 302 -23.02 -18.72 23.69
N ASP C 303 -24.04 -18.03 24.20
CA ASP C 303 -24.47 -18.20 25.60
C ASP C 303 -24.87 -19.66 25.87
N GLU C 304 -25.62 -20.25 24.95
CA GLU C 304 -26.04 -21.66 25.03
C GLU C 304 -24.87 -22.58 25.34
N PHE C 305 -23.73 -22.39 24.68
CA PHE C 305 -22.55 -23.20 24.94
C PHE C 305 -21.87 -22.78 26.24
N LYS C 306 -21.69 -21.47 26.42
CA LYS C 306 -20.96 -20.94 27.59
C LYS C 306 -21.60 -21.30 28.92
N GLN C 307 -22.94 -21.37 28.96
CA GLN C 307 -23.67 -21.67 30.19
C GLN C 307 -23.93 -23.17 30.37
N SER C 308 -23.19 -24.03 29.67
CA SER C 308 -23.46 -25.48 29.67
C SER C 308 -22.31 -26.29 30.28
N SER C 309 -22.61 -27.55 30.59
CA SER C 309 -21.65 -28.46 31.21
C SER C 309 -20.48 -28.78 30.28
N ALA C 310 -20.77 -28.90 28.98
CA ALA C 310 -19.77 -29.17 27.96
C ALA C 310 -18.67 -28.11 28.03
N TRP C 311 -19.10 -26.87 28.16
CA TRP C 311 -18.20 -25.75 28.40
C TRP C 311 -17.32 -25.95 29.63
N HIS C 312 -17.95 -26.22 30.77
CA HIS C 312 -17.23 -26.41 32.05
C HIS C 312 -16.20 -27.53 31.98
N GLU C 313 -16.55 -28.60 31.28
CA GLU C 313 -15.68 -29.77 31.14
C GLU C 313 -14.62 -29.59 30.06
N SER C 314 -14.77 -28.60 29.19
CA SER C 314 -13.85 -28.43 28.07
C SER C 314 -12.57 -27.69 28.47
N SER C 315 -11.52 -27.90 27.69
CA SER C 315 -10.29 -27.13 27.82
C SER C 315 -9.74 -26.72 26.46
N LYS C 316 -9.55 -27.71 25.58
CA LYS C 316 -9.06 -27.52 24.23
C LYS C 316 -10.12 -27.94 23.23
N ILE C 317 -10.66 -26.96 22.53
CA ILE C 317 -11.77 -27.15 21.62
C ILE C 317 -11.32 -27.01 20.17
N GLY C 318 -11.50 -28.06 19.39
CA GLY C 318 -11.30 -28.00 17.93
C GLY C 318 -12.55 -27.39 17.29
N ILE C 319 -12.36 -26.54 16.29
CA ILE C 319 -13.47 -25.89 15.58
C ILE C 319 -13.24 -26.22 14.10
N ILE C 320 -14.20 -26.88 13.45
CA ILE C 320 -14.00 -27.22 12.03
C ILE C 320 -14.49 -26.05 11.16
N VAL C 321 -13.55 -25.36 10.51
CA VAL C 321 -13.87 -24.27 9.59
C VAL C 321 -14.05 -24.91 8.23
N SER C 322 -15.31 -25.15 7.88
CA SER C 322 -15.63 -26.13 6.87
C SER C 322 -15.42 -25.66 5.43
N GLY C 323 -15.45 -24.36 5.19
CA GLY C 323 -15.12 -23.88 3.85
C GLY C 323 -15.02 -22.38 3.69
N GLY C 324 -14.67 -21.97 2.49
CA GLY C 324 -14.47 -20.55 2.20
C GLY C 324 -15.03 -20.03 0.89
N ASN C 325 -15.99 -20.73 0.31
CA ASN C 325 -16.54 -20.34 -0.98
C ASN C 325 -17.75 -19.45 -0.82
N VAL C 326 -17.55 -18.15 -1.03
CA VAL C 326 -18.57 -17.13 -0.76
C VAL C 326 -18.43 -16.01 -1.78
N ASP C 327 -19.55 -15.48 -2.26
CA ASP C 327 -19.50 -14.41 -3.24
C ASP C 327 -19.43 -13.07 -2.53
N LEU C 328 -18.31 -12.37 -2.73
CA LEU C 328 -18.05 -11.08 -2.09
C LEU C 328 -18.12 -9.94 -3.12
N GLY C 329 -18.89 -10.16 -4.18
CA GLY C 329 -19.05 -9.22 -5.28
C GLY C 329 -19.43 -7.81 -4.86
N THR C 330 -20.23 -7.71 -3.80
CA THR C 330 -20.57 -6.43 -3.17
C THR C 330 -19.33 -5.62 -2.82
N LEU C 331 -18.43 -6.27 -2.08
CA LEU C 331 -17.14 -5.70 -1.68
C LEU C 331 -16.35 -5.19 -2.88
N TRP C 332 -16.15 -6.06 -3.86
CA TRP C 332 -15.34 -5.71 -5.02
C TRP C 332 -15.94 -4.58 -5.84
N GLN C 333 -17.26 -4.58 -5.99
CA GLN C 333 -17.96 -3.53 -6.72
C GLN C 333 -17.69 -2.17 -6.10
N SER C 334 -17.85 -2.08 -4.78
CA SER C 334 -17.60 -0.82 -4.10
C SER C 334 -16.15 -0.38 -4.31
N MET C 335 -15.20 -1.31 -4.15
CA MET C 335 -13.78 -0.98 -4.38
C MET C 335 -13.52 -0.48 -5.79
N TYR C 336 -14.02 -1.18 -6.80
CA TYR C 336 -13.86 -0.71 -8.19
C TYR C 336 -14.57 0.64 -8.42
N LYS C 337 -15.69 0.87 -7.74
CA LYS C 337 -16.41 2.16 -7.83
C LYS C 337 -15.55 3.27 -7.27
N HIS C 338 -15.06 3.06 -6.04
CA HIS C 338 -14.08 3.94 -5.40
C HIS C 338 -13.02 4.40 -6.42
N LEU C 339 -12.54 3.45 -7.23
CA LEU C 339 -11.62 3.66 -8.35
C LEU C 339 -10.21 3.26 -7.96
MG MG D . 6.48 4.35 -3.11
N1 PLP E . 2.72 -3.96 3.59
C2 PLP E . 2.03 -3.71 4.72
C2A PLP E . 0.75 -4.44 5.01
C3 PLP E . 2.51 -2.64 5.63
O3 PLP E . 1.84 -2.33 6.78
C4 PLP E . 3.77 -1.95 5.26
C4A PLP E . 4.35 -0.88 6.10
C5 PLP E . 4.45 -2.34 4.03
C6 PLP E . 3.87 -3.34 3.26
C5A PLP E . 5.72 -1.64 3.62
O4P PLP E . 6.84 -1.83 4.51
P PLP E . 8.16 -0.91 4.37
O1P PLP E . 8.51 -0.95 2.90
O2P PLP E . 9.17 -1.50 5.34
O3P PLP E . 7.73 0.49 4.70
MG MG F . 15.14 22.67 -8.47
N1 PLP G . 16.72 33.72 -9.82
C2 PLP G . 16.53 34.57 -8.80
C2A PLP G . 17.54 35.66 -8.50
C3 PLP G . 15.32 34.43 -7.98
O3 PLP G . 15.07 35.28 -6.95
C4 PLP G . 14.37 33.34 -8.35
C4A PLP G . 13.14 33.07 -7.59
C5 PLP G . 14.69 32.49 -9.49
C6 PLP G . 15.87 32.74 -10.17
C5A PLP G . 13.76 31.35 -9.88
O4P PLP G . 12.46 31.73 -10.30
P PLP G . 11.27 30.64 -10.49
O1P PLP G . 11.89 29.53 -11.30
O2P PLP G . 10.16 31.35 -11.21
O3P PLP G . 10.92 30.25 -9.10
MG MG H . -30.08 -28.52 9.90
N1 PLP I . -19.79 -26.49 5.67
C2 PLP I . -19.67 -26.26 4.34
C2A PLP I . -18.82 -25.12 3.81
C3 PLP I . -20.38 -27.11 3.38
O3 PLP I . -20.25 -26.88 2.05
C4 PLP I . -21.21 -28.21 3.94
C4A PLP I . -22.00 -29.12 3.08
C5 PLP I . -21.24 -28.37 5.39
C6 PLP I . -20.53 -27.47 6.18
C5A PLP I . -22.08 -29.47 6.01
O4P PLP I . -21.75 -30.79 5.53
P PLP I . -22.68 -32.08 5.88
O1P PLP I . -21.82 -33.29 5.72
O2P PLP I . -23.20 -31.80 7.29
O3P PLP I . -23.78 -31.90 4.88
#